data_4DGQ
#
_entry.id   4DGQ
#
_cell.length_a   60.770
_cell.length_b   111.850
_cell.length_c   80.210
_cell.angle_alpha   90.000
_cell.angle_beta   111.650
_cell.angle_gamma   90.000
#
_symmetry.space_group_name_H-M   'P 1 21 1'
#
loop_
_entity.id
_entity.type
_entity.pdbx_description
1 polymer 'Non-heme chloroperoxidase'
2 non-polymer 1,2-ETHANEDIOL
3 water water
#
_entity_poly.entity_id   1
_entity_poly.type   'polypeptide(L)'
_entity_poly.pdbx_seq_one_letter_code
;GPGSMGTVTTKDGVEIFYKDWGPRDAKVIHFHHGWPLSSDDWDAQLLFFVNKGFRVVAHDRRGHGRSSQVWDGHDMDHYA
DDAAAVVEKLGTHGAMHVGHSTGGGEVVRYIARHGERNVSKAVLISSVPPLMVKTSSNPNGTPKSVFDDFQAHVAANRAQ
FYLDVPAGPFYGYNRPGAKPSEGVIYNWWRQGMMGSTKAQYDGIVAFSQTDFTNDLKGITIPVLVIHGDDDQVVPYADSG
VLSAKLVKNGKLITYKGAPHGIPTTHADKVNADLLEFLQS
;
_entity_poly.pdbx_strand_id   A,B,C
#
# COMPACT_ATOMS: atom_id res chain seq x y z
N SER A 4 -16.97 -10.71 6.19
CA SER A 4 -16.37 -9.79 5.20
C SER A 4 -15.46 -10.58 4.18
N MET A 5 -15.47 -10.13 2.93
CA MET A 5 -14.84 -10.88 1.86
C MET A 5 -13.34 -10.76 2.06
N GLY A 6 -12.63 -11.85 2.05
CA GLY A 6 -11.16 -11.78 2.06
C GLY A 6 -10.48 -11.49 3.39
N THR A 7 -11.21 -11.56 4.50
CA THR A 7 -10.59 -11.56 5.82
C THR A 7 -11.25 -12.60 6.75
N VAL A 8 -10.44 -13.16 7.65
CA VAL A 8 -10.90 -13.99 8.76
C VAL A 8 -10.11 -13.60 10.01
N THR A 9 -10.77 -13.55 11.14
CA THR A 9 -10.11 -13.28 12.39
C THR A 9 -9.85 -14.60 13.08
N THR A 10 -8.59 -14.87 13.43
CA THR A 10 -8.23 -16.13 14.07
C THR A 10 -8.77 -16.14 15.51
N LYS A 11 -8.68 -17.29 16.15
CA LYS A 11 -9.13 -17.37 17.51
C LYS A 11 -8.28 -16.55 18.47
N ASP A 12 -7.03 -16.21 18.11
CA ASP A 12 -6.21 -15.29 18.93
C ASP A 12 -6.28 -13.82 18.49
N GLY A 13 -7.29 -13.46 17.69
CA GLY A 13 -7.55 -12.05 17.38
C GLY A 13 -6.80 -11.45 16.18
N VAL A 14 -6.12 -12.27 15.38
CA VAL A 14 -5.34 -11.79 14.27
C VAL A 14 -6.23 -11.78 13.03
N GLU A 15 -6.25 -10.66 12.30
CA GLU A 15 -6.97 -10.63 11.05
C GLU A 15 -6.03 -11.11 9.94
N ILE A 16 -6.46 -12.18 9.28
CA ILE A 16 -5.73 -12.77 8.15
C ILE A 16 -6.45 -12.43 6.84
N PHE A 17 -5.73 -11.77 5.95
CA PHE A 17 -6.17 -11.43 4.60
C PHE A 17 -6.00 -12.65 3.69
N TYR A 18 -6.96 -12.86 2.82
CA TYR A 18 -6.84 -13.91 1.81
C TYR A 18 -7.58 -13.55 0.54
N LYS A 19 -7.11 -14.14 -0.55
CA LYS A 19 -7.79 -14.15 -1.82
C LYS A 19 -8.47 -15.53 -1.97
N ASP A 20 -9.71 -15.56 -2.45
CA ASP A 20 -10.42 -16.78 -2.76
C ASP A 20 -11.13 -16.55 -4.09
N TRP A 21 -10.57 -17.14 -5.13
CA TRP A 21 -11.04 -16.89 -6.50
C TRP A 21 -11.46 -18.19 -7.16
N GLY A 22 -12.59 -18.14 -7.85
CA GLY A 22 -12.99 -19.24 -8.76
C GLY A 22 -14.29 -19.87 -8.34
N PRO A 23 -14.78 -20.84 -9.14
CA PRO A 23 -16.10 -21.43 -8.90
C PRO A 23 -16.12 -22.13 -7.55
N ARG A 24 -17.21 -21.98 -6.83
CA ARG A 24 -17.26 -22.46 -5.47
C ARG A 24 -17.17 -24.00 -5.34
N ASP A 25 -17.57 -24.70 -6.37
CA ASP A 25 -17.55 -26.16 -6.34
C ASP A 25 -16.33 -26.75 -7.09
N ALA A 26 -15.36 -25.93 -7.53
CA ALA A 26 -14.17 -26.46 -8.25
C ALA A 26 -13.13 -27.04 -7.29
N LYS A 27 -12.21 -27.84 -7.83
CA LYS A 27 -11.06 -28.34 -7.04
C LYS A 27 -10.23 -27.13 -6.59
N VAL A 28 -9.73 -27.22 -5.38
CA VAL A 28 -9.07 -26.10 -4.70
C VAL A 28 -7.58 -26.29 -4.62
N ILE A 29 -6.83 -25.22 -4.89
CA ILE A 29 -5.43 -25.15 -4.56
C ILE A 29 -5.21 -23.97 -3.58
N HIS A 30 -4.57 -24.26 -2.47
CA HIS A 30 -4.28 -23.26 -1.45
C HIS A 30 -2.77 -23.00 -1.48
N PHE A 31 -2.39 -21.74 -1.57
CA PHE A 31 -1.01 -21.34 -1.75
C PHE A 31 -0.52 -20.54 -0.53
N HIS A 32 0.73 -20.81 -0.14
CA HIS A 32 1.37 -20.28 1.10
C HIS A 32 2.69 -19.63 0.67
N HIS A 33 2.78 -18.32 0.79
CA HIS A 33 3.91 -17.49 0.29
C HIS A 33 5.14 -17.52 1.17
N GLY A 34 6.23 -16.99 0.64
CA GLY A 34 7.48 -16.89 1.37
C GLY A 34 7.74 -15.59 2.10
N TRP A 35 8.87 -15.57 2.78
CA TRP A 35 9.32 -14.41 3.56
C TRP A 35 9.93 -13.41 2.61
N PRO A 36 9.71 -12.08 2.80
CA PRO A 36 8.85 -11.37 3.74
C PRO A 36 7.62 -10.86 2.94
N LEU A 37 7.06 -11.74 2.13
CA LEU A 37 6.14 -11.30 1.08
C LEU A 37 4.65 -11.41 1.50
N SER A 38 3.79 -11.78 0.57
CA SER A 38 2.33 -11.80 0.75
C SER A 38 1.75 -12.71 -0.32
N SER A 39 0.42 -12.86 -0.30
CA SER A 39 -0.27 -13.70 -1.29
C SER A 39 -0.13 -13.13 -2.70
N ASP A 40 0.22 -11.84 -2.84
CA ASP A 40 0.49 -11.27 -4.14
C ASP A 40 1.66 -11.95 -4.86
N ASP A 41 2.56 -12.60 -4.11
CA ASP A 41 3.67 -13.28 -4.73
C ASP A 41 3.21 -14.47 -5.60
N TRP A 42 1.94 -14.90 -5.46
CA TRP A 42 1.42 -16.00 -6.25
C TRP A 42 0.61 -15.59 -7.44
N ASP A 43 0.60 -14.29 -7.74
CA ASP A 43 -0.30 -13.78 -8.77
C ASP A 43 -0.28 -14.57 -10.09
N ALA A 44 0.92 -14.89 -10.57
CA ALA A 44 1.08 -15.63 -11.84
C ALA A 44 0.34 -17.00 -11.78
N GLN A 45 0.47 -17.69 -10.64
CA GLN A 45 -0.19 -18.96 -10.45
C GLN A 45 -1.70 -18.83 -10.24
N LEU A 46 -2.13 -17.89 -9.43
CA LEU A 46 -3.53 -17.70 -9.13
C LEU A 46 -4.31 -17.41 -10.40
N LEU A 47 -3.78 -16.51 -11.24
CA LEU A 47 -4.39 -16.18 -12.51
C LEU A 47 -4.47 -17.39 -13.46
N PHE A 48 -3.37 -18.14 -13.57
CA PHE A 48 -3.34 -19.31 -14.41
C PHE A 48 -4.45 -20.29 -14.01
N PHE A 49 -4.53 -20.59 -12.73
CA PHE A 49 -5.48 -21.60 -12.26
C PHE A 49 -6.94 -21.16 -12.30
N VAL A 50 -7.19 -19.91 -11.93
CA VAL A 50 -8.56 -19.39 -12.00
C VAL A 50 -9.05 -19.30 -13.42
N ASN A 51 -8.17 -18.96 -14.36
CA ASN A 51 -8.57 -18.91 -15.76
C ASN A 51 -8.86 -20.30 -16.29
N LYS A 52 -8.37 -21.34 -15.65
CA LYS A 52 -8.68 -22.70 -16.10
C LYS A 52 -9.90 -23.31 -15.40
N GLY A 53 -10.55 -22.54 -14.52
CA GLY A 53 -11.75 -22.93 -13.84
C GLY A 53 -11.56 -23.52 -12.47
N PHE A 54 -10.35 -23.44 -11.91
CA PHE A 54 -10.11 -23.99 -10.57
C PHE A 54 -10.41 -22.91 -9.55
N ARG A 55 -10.49 -23.32 -8.28
CA ARG A 55 -10.66 -22.41 -7.19
C ARG A 55 -9.32 -22.26 -6.50
N VAL A 56 -8.87 -21.04 -6.30
CA VAL A 56 -7.58 -20.82 -5.67
C VAL A 56 -7.75 -19.97 -4.41
N VAL A 57 -6.99 -20.31 -3.36
CA VAL A 57 -7.00 -19.59 -2.09
C VAL A 57 -5.57 -19.26 -1.74
N ALA A 58 -5.32 -18.05 -1.27
CA ALA A 58 -3.95 -17.67 -0.90
C ALA A 58 -4.04 -16.61 0.20
N HIS A 59 -3.40 -16.83 1.35
CA HIS A 59 -3.54 -15.93 2.49
C HIS A 59 -2.25 -15.28 2.81
N ASP A 60 -2.33 -14.13 3.46
CA ASP A 60 -1.15 -13.43 3.96
C ASP A 60 -0.84 -13.89 5.38
N ARG A 61 0.39 -14.33 5.59
CA ARG A 61 0.94 -14.71 6.90
C ARG A 61 0.78 -13.55 7.89
N ARG A 62 0.58 -13.89 9.16
CA ARG A 62 0.45 -12.88 10.19
C ARG A 62 1.60 -11.89 10.12
N GLY A 63 1.29 -10.59 10.25
CA GLY A 63 2.33 -9.62 10.20
C GLY A 63 2.94 -9.40 8.83
N HIS A 64 2.38 -10.03 7.81
CA HIS A 64 2.80 -9.85 6.43
C HIS A 64 1.68 -9.28 5.60
N GLY A 65 2.04 -8.55 4.56
CA GLY A 65 1.04 -8.05 3.63
C GLY A 65 -0.06 -7.22 4.27
N ARG A 66 -1.31 -7.69 4.12
CA ARG A 66 -2.51 -7.02 4.63
C ARG A 66 -3.02 -7.66 5.93
N SER A 67 -2.32 -8.66 6.46
CA SER A 67 -2.69 -9.26 7.73
C SER A 67 -2.20 -8.39 8.91
N SER A 68 -2.83 -8.57 10.07
CA SER A 68 -2.55 -7.74 11.22
C SER A 68 -1.10 -7.78 11.63
N GLN A 69 -0.60 -6.64 12.08
CA GLN A 69 0.77 -6.55 12.60
C GLN A 69 0.84 -6.92 14.07
N VAL A 70 0.51 -8.16 14.33
CA VAL A 70 0.58 -8.77 15.66
C VAL A 70 2.09 -8.93 16.02
N TRP A 71 2.44 -8.68 17.27
CA TRP A 71 3.85 -8.64 17.65
C TRP A 71 4.46 -9.97 17.98
N ASP A 72 3.61 -10.97 18.27
CA ASP A 72 4.12 -12.25 18.71
C ASP A 72 3.51 -13.42 17.95
N GLY A 73 3.88 -14.64 18.37
CA GLY A 73 3.46 -15.86 17.71
C GLY A 73 4.07 -16.04 16.30
N HIS A 74 5.27 -15.53 16.09
CA HIS A 74 5.93 -15.62 14.79
C HIS A 74 6.74 -16.89 14.76
N ASP A 75 5.99 -17.98 14.63
CA ASP A 75 6.59 -19.32 14.60
C ASP A 75 5.69 -20.24 13.78
N MET A 76 6.23 -21.40 13.40
CA MET A 76 5.55 -22.25 12.45
C MET A 76 4.22 -22.78 13.00
N ASP A 77 4.14 -22.99 14.31
CA ASP A 77 2.89 -23.51 14.86
C ASP A 77 1.76 -22.50 14.65
N HIS A 78 2.03 -21.21 14.93
CA HIS A 78 1.03 -20.18 14.73
C HIS A 78 0.76 -19.98 13.24
N TYR A 79 1.78 -20.04 12.41
CA TYR A 79 1.55 -19.91 10.99
C TYR A 79 0.60 -20.99 10.48
N ALA A 80 0.82 -22.22 10.94
CA ALA A 80 -0.05 -23.34 10.59
C ALA A 80 -1.48 -23.12 11.08
N ASP A 81 -1.60 -22.61 12.31
CA ASP A 81 -2.92 -22.38 12.93
C ASP A 81 -3.71 -21.26 12.24
N ASP A 82 -3.01 -20.24 11.79
CA ASP A 82 -3.60 -19.13 10.97
C ASP A 82 -4.12 -19.70 9.62
N ALA A 83 -3.34 -20.57 8.98
CA ALA A 83 -3.80 -21.28 7.74
C ALA A 83 -5.05 -22.09 8.02
N ALA A 84 -5.07 -22.77 9.16
CA ALA A 84 -6.22 -23.60 9.50
C ALA A 84 -7.45 -22.73 9.66
N ALA A 85 -7.29 -21.52 10.18
CA ALA A 85 -8.45 -20.60 10.35
C ALA A 85 -9.08 -20.22 9.00
N VAL A 86 -8.22 -20.05 8.01
CA VAL A 86 -8.70 -19.78 6.63
C VAL A 86 -9.47 -21.00 6.04
N VAL A 87 -8.86 -22.18 6.19
CA VAL A 87 -9.48 -23.40 5.68
C VAL A 87 -10.80 -23.65 6.42
N GLU A 88 -10.82 -23.44 7.74
CA GLU A 88 -12.04 -23.59 8.53
C GLU A 88 -13.15 -22.67 8.04
N LYS A 89 -12.85 -21.40 7.82
CA LYS A 89 -13.86 -20.45 7.34
C LYS A 89 -14.37 -20.87 5.95
N LEU A 90 -13.49 -21.27 5.06
CA LEU A 90 -13.92 -21.52 3.71
C LEU A 90 -14.45 -22.94 3.42
N GLY A 91 -14.15 -23.87 4.32
CA GLY A 91 -14.57 -25.26 4.17
C GLY A 91 -13.80 -25.95 3.07
N THR A 92 -12.55 -25.57 2.83
CA THR A 92 -11.77 -26.13 1.71
C THR A 92 -10.86 -27.32 2.06
N HIS A 93 -11.20 -28.07 3.09
CA HIS A 93 -10.47 -29.28 3.45
C HIS A 93 -10.39 -30.19 2.25
N GLY A 94 -9.24 -30.83 2.09
CA GLY A 94 -9.00 -31.71 0.98
C GLY A 94 -8.33 -31.03 -0.22
N ALA A 95 -7.99 -29.73 -0.08
CA ALA A 95 -7.30 -28.98 -1.14
C ALA A 95 -5.92 -29.51 -1.36
N MET A 96 -5.36 -29.21 -2.52
CA MET A 96 -3.92 -29.28 -2.73
C MET A 96 -3.29 -28.04 -2.10
N HIS A 97 -2.30 -28.23 -1.22
CA HIS A 97 -1.55 -27.12 -0.60
C HIS A 97 -0.16 -26.96 -1.23
N VAL A 98 0.17 -25.74 -1.64
CA VAL A 98 1.40 -25.43 -2.34
C VAL A 98 2.12 -24.34 -1.52
N GLY A 99 3.37 -24.60 -1.13
CA GLY A 99 4.18 -23.60 -0.40
C GLY A 99 5.40 -23.22 -1.20
N HIS A 100 5.79 -21.94 -1.11
CA HIS A 100 7.05 -21.48 -1.61
C HIS A 100 7.85 -20.97 -0.44
N SER A 101 9.09 -21.42 -0.37
CA SER A 101 10.11 -20.87 0.53
C SER A 101 9.67 -21.09 1.99
N THR A 102 9.52 -20.04 2.77
CA THR A 102 9.01 -20.21 4.14
C THR A 102 7.64 -20.91 4.11
N GLY A 103 6.87 -20.61 3.06
CA GLY A 103 5.55 -21.20 2.95
C GLY A 103 5.50 -22.70 2.85
N GLY A 104 6.54 -23.30 2.32
CA GLY A 104 6.65 -24.75 2.30
C GLY A 104 6.84 -25.31 3.71
N GLY A 105 7.57 -24.62 4.56
CA GLY A 105 7.57 -25.00 5.98
C GLY A 105 6.20 -24.90 6.62
N GLU A 106 5.51 -23.81 6.33
CA GLU A 106 4.14 -23.69 6.86
C GLU A 106 3.23 -24.83 6.43
N VAL A 107 3.33 -25.24 5.18
CA VAL A 107 2.52 -26.37 4.66
C VAL A 107 2.86 -27.66 5.43
N VAL A 108 4.14 -27.93 5.58
CA VAL A 108 4.56 -29.14 6.35
C VAL A 108 4.04 -29.11 7.79
N ARG A 109 4.20 -27.98 8.47
CA ARG A 109 3.71 -27.87 9.85
C ARG A 109 2.18 -27.94 9.92
N TYR A 110 1.50 -27.32 8.92
CA TYR A 110 0.05 -27.43 8.86
C TYR A 110 -0.44 -28.89 8.71
N ILE A 111 0.21 -29.64 7.84
CA ILE A 111 -0.12 -31.05 7.68
C ILE A 111 0.13 -31.82 8.98
N ALA A 112 1.29 -31.63 9.62
CA ALA A 112 1.65 -32.35 10.84
C ALA A 112 0.74 -31.95 11.97
N ARG A 113 0.40 -30.68 12.09
CA ARG A 113 -0.34 -30.23 13.22
C ARG A 113 -1.87 -30.41 13.06
N HIS A 114 -2.38 -30.24 11.87
CA HIS A 114 -3.82 -30.32 11.66
C HIS A 114 -4.27 -31.57 10.97
N GLY A 115 -3.34 -32.36 10.44
CA GLY A 115 -3.64 -33.70 9.96
C GLY A 115 -3.62 -33.82 8.44
N GLU A 116 -2.91 -34.82 7.93
CA GLU A 116 -2.85 -34.98 6.50
C GLU A 116 -4.17 -35.41 5.85
N ARG A 117 -5.11 -35.95 6.66
CA ARG A 117 -6.49 -36.23 6.21
C ARG A 117 -7.15 -35.01 5.57
N ASN A 118 -6.71 -33.82 5.93
CA ASN A 118 -7.27 -32.59 5.40
C ASN A 118 -6.60 -32.02 4.17
N VAL A 119 -5.55 -32.67 3.67
CA VAL A 119 -4.80 -32.22 2.50
C VAL A 119 -4.68 -33.38 1.52
N SER A 120 -5.10 -33.19 0.28
CA SER A 120 -5.07 -34.32 -0.67
C SER A 120 -3.67 -34.53 -1.23
N LYS A 121 -2.97 -33.41 -1.49
CA LYS A 121 -1.66 -33.39 -2.10
C LYS A 121 -0.92 -32.15 -1.64
N ALA A 122 0.39 -32.22 -1.61
CA ALA A 122 1.17 -31.07 -1.20
C ALA A 122 2.34 -30.84 -2.17
N VAL A 123 2.67 -29.56 -2.34
CA VAL A 123 3.79 -29.20 -3.21
C VAL A 123 4.72 -28.22 -2.41
N LEU A 124 6.01 -28.53 -2.37
CA LEU A 124 7.03 -27.74 -1.71
C LEU A 124 7.94 -27.14 -2.77
N ILE A 125 7.75 -25.85 -3.03
CA ILE A 125 8.53 -25.15 -4.05
C ILE A 125 9.63 -24.35 -3.37
N SER A 126 10.90 -24.60 -3.69
CA SER A 126 12.02 -23.83 -3.10
C SER A 126 11.97 -23.71 -1.59
N SER A 127 11.57 -24.77 -0.90
CA SER A 127 11.08 -24.62 0.47
C SER A 127 12.16 -24.91 1.49
N VAL A 128 12.02 -24.28 2.65
CA VAL A 128 13.00 -24.30 3.74
C VAL A 128 13.23 -25.68 4.40
N PRO A 129 12.27 -26.62 4.39
CA PRO A 129 12.62 -27.87 5.09
C PRO A 129 13.77 -28.62 4.43
N PRO A 130 14.46 -29.49 5.19
CA PRO A 130 14.17 -29.87 6.60
C PRO A 130 14.68 -28.98 7.67
N LEU A 131 15.82 -28.32 7.50
CA LEU A 131 16.45 -27.51 8.56
C LEU A 131 17.58 -26.71 7.95
N MET A 132 17.39 -25.39 7.84
CA MET A 132 18.40 -24.58 7.16
C MET A 132 19.68 -24.38 7.92
N VAL A 133 19.57 -24.09 9.21
CA VAL A 133 20.71 -23.66 9.98
C VAL A 133 21.69 -24.81 10.36
N LYS A 134 22.97 -24.46 10.28
CA LYS A 134 24.07 -25.33 10.73
C LYS A 134 24.05 -25.47 12.23
N THR A 135 24.13 -26.71 12.67
CA THR A 135 24.20 -27.04 14.10
C THR A 135 25.24 -28.15 14.20
N SER A 136 25.73 -28.41 15.41
CA SER A 136 26.68 -29.52 15.61
C SER A 136 26.12 -30.82 15.05
N SER A 137 24.81 -30.98 15.07
CA SER A 137 24.09 -32.13 14.48
C SER A 137 23.41 -31.93 13.07
N ASN A 138 23.60 -30.76 12.45
CA ASN A 138 23.23 -30.51 11.04
C ASN A 138 24.45 -29.79 10.44
N PRO A 139 25.57 -30.52 10.29
CA PRO A 139 26.84 -29.85 9.98
C PRO A 139 26.91 -29.28 8.57
N ASN A 140 26.03 -29.73 7.67
CA ASN A 140 25.96 -29.21 6.29
C ASN A 140 25.09 -27.96 6.12
N GLY A 141 24.51 -27.46 7.21
CA GLY A 141 23.62 -26.33 7.08
C GLY A 141 24.30 -24.97 6.87
N THR A 142 23.50 -23.92 6.86
CA THR A 142 24.00 -22.56 6.69
C THR A 142 24.34 -22.00 8.07
N PRO A 143 25.56 -21.45 8.25
CA PRO A 143 25.94 -20.89 9.52
C PRO A 143 24.93 -19.90 10.02
N LYS A 144 24.68 -19.95 11.32
CA LYS A 144 23.66 -19.09 11.95
C LYS A 144 23.98 -17.61 11.78
N SER A 145 25.26 -17.27 11.68
CA SER A 145 25.69 -15.88 11.46
C SER A 145 25.01 -15.26 10.22
N VAL A 146 24.73 -16.08 9.22
CA VAL A 146 24.12 -15.64 8.01
C VAL A 146 22.72 -15.07 8.33
N PHE A 147 21.96 -15.83 9.11
CA PHE A 147 20.62 -15.42 9.49
C PHE A 147 20.67 -14.27 10.50
N ASP A 148 21.65 -14.30 11.38
CA ASP A 148 21.83 -13.16 12.33
C ASP A 148 22.06 -11.89 11.52
N ASP A 149 22.87 -11.98 10.46
CA ASP A 149 23.12 -10.82 9.61
C ASP A 149 21.86 -10.34 8.88
N PHE A 150 21.02 -11.25 8.40
CA PHE A 150 19.73 -10.85 7.79
C PHE A 150 18.90 -10.05 8.82
N GLN A 151 18.84 -10.55 10.06
CA GLN A 151 18.11 -9.85 11.11
C GLN A 151 18.72 -8.45 11.38
N ALA A 152 20.04 -8.34 11.38
CA ALA A 152 20.72 -7.07 11.62
C ALA A 152 20.40 -6.07 10.50
N HIS A 153 20.27 -6.57 9.26
CA HIS A 153 19.95 -5.71 8.12
C HIS A 153 18.51 -5.23 8.20
N VAL A 154 17.62 -6.09 8.66
CA VAL A 154 16.22 -5.70 8.87
C VAL A 154 16.14 -4.59 9.93
N ALA A 155 16.93 -4.74 10.98
CA ALA A 155 16.92 -3.79 12.08
C ALA A 155 17.57 -2.46 11.66
N ALA A 156 18.59 -2.50 10.80
CA ALA A 156 19.41 -1.36 10.44
C ALA A 156 18.80 -0.48 9.32
N ASN A 157 18.30 -1.09 8.27
CA ASN A 157 17.69 -0.34 7.19
C ASN A 157 16.88 -1.35 6.38
N ARG A 158 15.68 -1.62 6.86
CA ARG A 158 14.83 -2.63 6.16
C ARG A 158 14.49 -2.16 4.75
N ALA A 159 14.22 -0.86 4.59
CA ALA A 159 13.81 -0.33 3.31
C ALA A 159 14.89 -0.59 2.24
N GLN A 160 16.17 -0.44 2.59
CA GLN A 160 17.28 -0.73 1.64
C GLN A 160 17.53 -2.23 1.44
N PHE A 161 17.48 -2.97 2.53
CA PHE A 161 17.64 -4.43 2.49
C PHE A 161 16.61 -5.06 1.55
N TYR A 162 15.38 -4.54 1.53
CA TYR A 162 14.32 -5.13 0.75
C TYR A 162 14.36 -4.71 -0.72
N LEU A 163 15.26 -3.79 -1.08
CA LEU A 163 15.68 -3.61 -2.49
C LEU A 163 16.85 -4.54 -2.85
N ASP A 164 17.80 -4.68 -1.95
CA ASP A 164 19.03 -5.42 -2.23
C ASP A 164 18.80 -6.93 -2.42
N VAL A 165 17.89 -7.50 -1.64
CA VAL A 165 17.63 -8.94 -1.71
C VAL A 165 17.03 -9.32 -3.09
N PRO A 166 15.93 -8.64 -3.52
CA PRO A 166 15.40 -9.02 -4.84
C PRO A 166 16.27 -8.57 -6.03
N ALA A 167 17.08 -7.53 -5.84
CA ALA A 167 17.93 -7.02 -6.91
C ALA A 167 19.14 -7.94 -7.07
N GLY A 168 19.42 -8.77 -6.05
CA GLY A 168 20.61 -9.62 -6.01
C GLY A 168 20.31 -11.08 -6.04
N PRO A 169 20.25 -11.71 -4.86
CA PRO A 169 20.15 -13.19 -4.87
C PRO A 169 18.81 -13.79 -5.15
N PHE A 170 17.70 -13.10 -4.88
CA PHE A 170 16.42 -13.84 -4.84
C PHE A 170 15.97 -14.40 -6.20
N TYR A 171 16.12 -13.60 -7.26
CA TYR A 171 15.72 -14.00 -8.60
C TYR A 171 16.91 -14.37 -9.52
N GLY A 172 18.13 -14.41 -8.99
CA GLY A 172 19.37 -14.57 -9.75
C GLY A 172 19.67 -13.40 -10.66
N TYR A 173 19.11 -12.24 -10.35
CA TYR A 173 19.41 -11.07 -11.20
C TYR A 173 20.86 -10.60 -11.02
N ASN A 174 21.55 -11.10 -10.00
CA ASN A 174 22.96 -10.85 -9.86
C ASN A 174 23.85 -11.75 -10.75
N ARG A 175 23.27 -12.64 -11.52
CA ARG A 175 24.05 -13.55 -12.42
C ARG A 175 24.33 -12.89 -13.76
N PRO A 176 25.44 -13.21 -14.38
CA PRO A 176 25.74 -12.59 -15.66
C PRO A 176 24.71 -12.92 -16.70
N GLY A 177 24.37 -11.92 -17.51
CA GLY A 177 23.38 -12.14 -18.52
C GLY A 177 21.96 -12.17 -18.04
N ALA A 178 21.71 -12.08 -16.72
CA ALA A 178 20.33 -12.05 -16.27
C ALA A 178 19.69 -10.74 -16.77
N LYS A 179 18.41 -10.76 -16.95
CA LYS A 179 17.66 -9.58 -17.38
C LYS A 179 16.80 -9.14 -16.20
N PRO A 180 17.31 -8.27 -15.31
CA PRO A 180 16.46 -7.88 -14.17
C PRO A 180 15.16 -7.14 -14.59
N SER A 181 14.10 -7.37 -13.83
CA SER A 181 12.87 -6.66 -14.04
C SER A 181 12.72 -5.69 -12.85
N GLU A 182 12.78 -4.39 -13.14
CA GLU A 182 12.56 -3.33 -12.13
C GLU A 182 11.23 -3.52 -11.42
N GLY A 183 10.23 -3.91 -12.19
CA GLY A 183 8.90 -4.06 -11.64
C GLY A 183 8.84 -5.22 -10.64
N VAL A 184 9.49 -6.32 -10.99
CA VAL A 184 9.57 -7.46 -10.08
C VAL A 184 10.28 -7.06 -8.79
N ILE A 185 11.38 -6.32 -8.92
CA ILE A 185 12.20 -5.91 -7.75
C ILE A 185 11.36 -5.01 -6.83
N TYR A 186 10.70 -4.01 -7.42
CA TYR A 186 9.89 -3.08 -6.65
CA TYR A 186 9.88 -3.09 -6.63
C TYR A 186 8.63 -3.74 -6.06
N ASN A 187 8.10 -4.74 -6.75
CA ASN A 187 6.92 -5.45 -6.24
C ASN A 187 7.27 -6.28 -4.99
N TRP A 188 8.44 -6.93 -5.02
CA TRP A 188 8.94 -7.65 -3.87
C TRP A 188 9.07 -6.69 -2.70
N TRP A 189 9.75 -5.57 -2.92
CA TRP A 189 9.92 -4.52 -1.92
C TRP A 189 8.60 -4.03 -1.35
N ARG A 190 7.65 -3.75 -2.22
CA ARG A 190 6.34 -3.21 -1.84
C ARG A 190 5.63 -4.15 -0.88
N GLN A 191 5.64 -5.43 -1.21
CA GLN A 191 5.06 -6.45 -0.34
C GLN A 191 5.80 -6.56 0.99
N GLY A 192 7.12 -6.53 0.98
CA GLY A 192 7.85 -6.58 2.24
C GLY A 192 7.56 -5.39 3.16
N MET A 193 7.54 -4.17 2.59
CA MET A 193 7.48 -2.97 3.39
C MET A 193 6.11 -2.78 4.02
N MET A 194 5.06 -3.32 3.39
CA MET A 194 3.75 -3.24 4.02
C MET A 194 3.55 -4.13 5.24
N GLY A 195 4.38 -5.16 5.35
CA GLY A 195 4.37 -6.04 6.51
C GLY A 195 5.08 -5.40 7.70
N SER A 196 5.01 -6.09 8.83
CA SER A 196 5.57 -5.64 10.07
C SER A 196 7.06 -5.96 10.18
N THR A 197 7.88 -4.94 10.50
CA THR A 197 9.28 -5.16 10.73
C THR A 197 9.52 -6.23 11.84
N LYS A 198 8.70 -6.22 12.86
CA LYS A 198 8.86 -7.17 13.97
C LYS A 198 8.50 -8.60 13.55
N ALA A 199 7.39 -8.73 12.79
CA ALA A 199 7.00 -10.05 12.28
C ALA A 199 8.09 -10.63 11.41
N GLN A 200 8.66 -9.80 10.57
CA GLN A 200 9.64 -10.23 9.62
C GLN A 200 10.96 -10.51 10.27
N TYR A 201 11.33 -9.71 11.27
CA TYR A 201 12.54 -9.95 12.04
C TYR A 201 12.51 -11.34 12.76
N ASP A 202 11.44 -11.57 13.50
CA ASP A 202 11.20 -12.85 14.15
C ASP A 202 11.04 -13.99 13.13
N GLY A 203 10.45 -13.66 11.99
CA GLY A 203 10.20 -14.63 10.95
C GLY A 203 11.45 -15.27 10.37
N ILE A 204 12.58 -14.56 10.41
CA ILE A 204 13.84 -15.13 9.99
C ILE A 204 14.21 -16.37 10.82
N VAL A 205 13.98 -16.28 12.11
CA VAL A 205 14.30 -17.37 13.00
C VAL A 205 13.37 -18.53 12.67
N ALA A 206 12.08 -18.20 12.45
CA ALA A 206 11.07 -19.21 12.14
C ALA A 206 11.41 -20.04 10.92
N PHE A 207 11.90 -19.40 9.88
CA PHE A 207 12.16 -20.13 8.67
C PHE A 207 13.48 -20.87 8.69
N SER A 208 14.49 -20.30 9.38
CA SER A 208 15.85 -20.80 9.28
C SER A 208 16.20 -21.79 10.39
N GLN A 209 15.50 -21.75 11.51
CA GLN A 209 15.93 -22.49 12.67
C GLN A 209 14.89 -23.50 13.11
N THR A 210 13.80 -23.68 12.34
CA THR A 210 12.81 -24.74 12.65
C THR A 210 13.22 -26.04 11.95
N ASP A 211 13.21 -27.14 12.71
CA ASP A 211 13.53 -28.46 12.18
C ASP A 211 12.24 -29.18 11.82
N PHE A 212 12.07 -29.43 10.54
CA PHE A 212 10.84 -30.06 10.00
C PHE A 212 10.97 -31.57 9.77
N THR A 213 12.09 -32.15 10.24
CA THR A 213 12.43 -33.54 9.88
C THR A 213 11.34 -34.51 10.33
N ASN A 214 10.91 -34.47 11.59
CA ASN A 214 9.86 -35.39 12.04
C ASN A 214 8.55 -35.14 11.33
N ASP A 215 8.20 -33.87 11.07
CA ASP A 215 6.96 -33.59 10.37
C ASP A 215 6.99 -34.26 8.99
N LEU A 216 8.12 -34.10 8.28
CA LEU A 216 8.24 -34.65 6.93
C LEU A 216 8.11 -36.18 6.96
N LYS A 217 8.77 -36.80 7.91
CA LYS A 217 8.74 -38.27 7.96
C LYS A 217 7.32 -38.81 8.18
N GLY A 218 6.42 -38.01 8.70
CA GLY A 218 5.05 -38.46 8.93
C GLY A 218 4.10 -38.22 7.78
N ILE A 219 4.58 -37.61 6.71
CA ILE A 219 3.71 -37.30 5.57
C ILE A 219 3.64 -38.44 4.57
N THR A 220 2.44 -38.97 4.39
CA THR A 220 2.22 -40.11 3.48
C THR A 220 1.37 -39.74 2.25
N ILE A 221 0.75 -38.57 2.25
CA ILE A 221 0.05 -38.08 1.07
C ILE A 221 1.08 -37.78 -0.04
N PRO A 222 0.62 -37.67 -1.30
CA PRO A 222 1.59 -37.39 -2.36
C PRO A 222 2.22 -36.00 -2.21
N VAL A 223 3.55 -35.96 -2.32
CA VAL A 223 4.31 -34.72 -2.20
C VAL A 223 5.16 -34.50 -3.46
N LEU A 224 5.01 -33.31 -4.04
CA LEU A 224 5.88 -32.89 -5.13
C LEU A 224 6.79 -31.79 -4.58
N VAL A 225 8.06 -31.94 -4.84
CA VAL A 225 9.10 -30.96 -4.47
C VAL A 225 9.65 -30.37 -5.77
N ILE A 226 9.65 -29.06 -5.87
CA ILE A 226 10.23 -28.35 -7.02
C ILE A 226 11.32 -27.46 -6.49
N HIS A 227 12.51 -27.50 -7.09
CA HIS A 227 13.63 -26.69 -6.53
C HIS A 227 14.63 -26.37 -7.61
N GLY A 228 15.09 -25.12 -7.63
CA GLY A 228 16.13 -24.72 -8.56
C GLY A 228 17.50 -25.13 -8.04
N ASP A 229 18.34 -25.62 -8.92
CA ASP A 229 19.67 -26.00 -8.51
C ASP A 229 20.68 -24.83 -8.45
N ASP A 230 20.23 -23.61 -8.76
CA ASP A 230 21.05 -22.40 -8.56
C ASP A 230 20.43 -21.46 -7.53
N ASP A 231 19.68 -22.02 -6.59
CA ASP A 231 18.95 -21.27 -5.58
C ASP A 231 19.96 -20.68 -4.55
N GLN A 232 20.04 -19.35 -4.50
CA GLN A 232 21.01 -18.68 -3.63
C GLN A 232 20.45 -18.41 -2.22
N VAL A 233 19.18 -18.67 -2.00
CA VAL A 233 18.52 -18.35 -0.74
C VAL A 233 18.30 -19.59 0.12
N VAL A 234 17.78 -20.64 -0.51
CA VAL A 234 17.58 -21.99 0.15
C VAL A 234 18.38 -23.02 -0.66
N PRO A 235 19.61 -23.36 -0.23
CA PRO A 235 20.50 -24.26 -0.96
C PRO A 235 19.82 -25.61 -1.28
N TYR A 236 19.81 -25.92 -2.57
CA TYR A 236 19.12 -27.09 -3.18
C TYR A 236 19.51 -28.41 -2.47
N ALA A 237 20.80 -28.60 -2.23
CA ALA A 237 21.30 -29.90 -1.77
C ALA A 237 20.83 -30.17 -0.31
N ASP A 238 20.57 -29.10 0.42
CA ASP A 238 20.23 -29.24 1.85
C ASP A 238 18.75 -28.98 2.11
N SER A 239 17.94 -28.94 1.06
CA SER A 239 16.55 -28.65 1.25
C SER A 239 15.71 -29.57 0.42
N GLY A 240 15.34 -29.13 -0.78
CA GLY A 240 14.42 -29.93 -1.59
C GLY A 240 14.88 -31.37 -1.89
N VAL A 241 16.18 -31.56 -2.11
CA VAL A 241 16.75 -32.89 -2.34
C VAL A 241 16.44 -33.81 -1.16
N LEU A 242 16.57 -33.30 0.04
CA LEU A 242 16.34 -34.06 1.26
C LEU A 242 14.86 -34.24 1.55
N SER A 243 14.04 -33.20 1.40
CA SER A 243 12.61 -33.26 1.72
C SER A 243 11.92 -34.33 0.87
N ALA A 244 12.32 -34.40 -0.39
CA ALA A 244 11.70 -35.33 -1.33
C ALA A 244 11.93 -36.79 -0.89
N LYS A 245 13.06 -37.04 -0.24
CA LYS A 245 13.43 -38.40 0.24
C LYS A 245 12.86 -38.69 1.62
N LEU A 246 12.63 -37.67 2.44
CA LEU A 246 12.13 -37.85 3.81
C LEU A 246 10.65 -38.19 3.92
N VAL A 247 9.81 -37.59 3.10
CA VAL A 247 8.38 -37.94 3.04
C VAL A 247 8.26 -39.34 2.46
N LYS A 248 7.13 -40.00 2.68
CA LYS A 248 7.00 -41.37 2.19
C LYS A 248 6.85 -41.43 0.67
N ASN A 249 6.06 -40.53 0.13
CA ASN A 249 5.70 -40.58 -1.26
C ASN A 249 6.03 -39.26 -1.95
N GLY A 250 7.31 -39.02 -2.13
CA GLY A 250 7.82 -37.75 -2.66
C GLY A 250 8.43 -37.88 -4.04
N LYS A 251 8.39 -36.82 -4.81
CA LYS A 251 9.01 -36.78 -6.12
C LYS A 251 9.68 -35.40 -6.21
N LEU A 252 10.91 -35.36 -6.71
CA LEU A 252 11.66 -34.10 -6.94
C LEU A 252 11.67 -33.74 -8.43
N ILE A 253 11.30 -32.49 -8.77
CA ILE A 253 11.57 -31.92 -10.08
C ILE A 253 12.62 -30.83 -9.84
N THR A 254 13.74 -30.93 -10.54
CA THR A 254 14.84 -29.96 -10.41
C THR A 254 14.76 -29.05 -11.61
N TYR A 255 14.76 -27.72 -11.39
CA TYR A 255 14.79 -26.73 -12.47
C TYR A 255 16.25 -26.26 -12.60
N LYS A 256 16.92 -26.75 -13.63
CA LYS A 256 18.33 -26.50 -13.81
C LYS A 256 18.53 -25.01 -14.03
N GLY A 257 19.50 -24.45 -13.33
CA GLY A 257 19.79 -23.03 -13.46
C GLY A 257 18.87 -22.07 -12.72
N ALA A 258 17.83 -22.58 -12.08
CA ALA A 258 16.77 -21.70 -11.59
C ALA A 258 17.15 -21.09 -10.23
N PRO A 259 16.67 -19.85 -9.96
CA PRO A 259 16.93 -19.14 -8.72
C PRO A 259 15.91 -19.56 -7.64
N HIS A 260 15.88 -18.81 -6.56
CA HIS A 260 14.86 -19.01 -5.51
C HIS A 260 13.45 -18.61 -5.95
N GLY A 261 13.29 -17.51 -6.64
CA GLY A 261 11.96 -16.94 -7.00
C GLY A 261 11.28 -17.55 -8.22
N ILE A 262 11.27 -18.87 -8.24
CA ILE A 262 10.75 -19.56 -9.42
CA ILE A 262 10.72 -19.71 -9.32
C ILE A 262 9.26 -19.38 -9.72
N PRO A 263 8.38 -19.06 -8.73
CA PRO A 263 6.96 -18.79 -9.14
C PRO A 263 6.89 -17.60 -10.13
N THR A 264 7.87 -16.69 -10.04
CA THR A 264 7.92 -15.58 -10.97
C THR A 264 8.80 -15.87 -12.18
N THR A 265 10.04 -16.31 -11.97
CA THR A 265 10.98 -16.48 -13.07
C THR A 265 10.71 -17.69 -13.96
N HIS A 266 10.09 -18.71 -13.41
CA HIS A 266 9.83 -19.95 -14.12
C HIS A 266 8.33 -20.26 -14.05
N ALA A 267 7.51 -19.21 -14.15
CA ALA A 267 6.06 -19.30 -13.92
C ALA A 267 5.45 -20.35 -14.80
N ASP A 268 5.86 -20.38 -16.06
CA ASP A 268 5.15 -21.30 -17.01
C ASP A 268 5.42 -22.79 -16.65
N LYS A 269 6.67 -23.07 -16.25
CA LYS A 269 7.02 -24.43 -15.77
C LYS A 269 6.30 -24.80 -14.48
N VAL A 270 6.25 -23.88 -13.52
CA VAL A 270 5.58 -24.11 -12.26
C VAL A 270 4.11 -24.40 -12.49
N ASN A 271 3.50 -23.59 -13.35
CA ASN A 271 2.07 -23.72 -13.60
C ASN A 271 1.78 -25.11 -14.23
N ALA A 272 2.58 -25.49 -15.20
CA ALA A 272 2.37 -26.77 -15.93
C ALA A 272 2.60 -27.97 -14.98
N ASP A 273 3.62 -27.86 -14.11
CA ASP A 273 3.93 -28.95 -13.17
C ASP A 273 2.88 -29.06 -12.09
N LEU A 274 2.41 -27.93 -11.61
CA LEU A 274 1.34 -27.91 -10.62
C LEU A 274 0.05 -28.48 -11.19
N LEU A 275 -0.28 -28.08 -12.42
CA LEU A 275 -1.45 -28.61 -13.08
C LEU A 275 -1.37 -30.13 -13.31
N GLU A 276 -0.23 -30.61 -13.78
CA GLU A 276 -0.10 -32.03 -14.00
C GLU A 276 -0.24 -32.81 -12.68
N PHE A 277 0.36 -32.32 -11.61
CA PHE A 277 0.26 -32.97 -10.29
C PHE A 277 -1.18 -32.94 -9.75
N LEU A 278 -1.85 -31.80 -9.90
CA LEU A 278 -3.24 -31.64 -9.43
C LEU A 278 -4.16 -32.66 -10.12
N GLN A 279 -3.95 -32.89 -11.40
CA GLN A 279 -4.78 -33.78 -12.19
C GLN A 279 -4.38 -35.24 -12.02
N SER A 280 -3.21 -35.51 -11.45
CA SER A 280 -2.72 -36.89 -11.32
C SER A 280 -3.53 -37.71 -10.30
N SER B 4 -9.95 -5.24 13.74
CA SER B 4 -10.12 -4.64 15.10
C SER B 4 -8.84 -4.63 15.94
N MET B 5 -7.98 -5.64 15.82
CA MET B 5 -6.62 -5.49 16.33
C MET B 5 -6.08 -4.32 15.50
N GLY B 6 -5.50 -3.34 16.12
CA GLY B 6 -4.87 -2.26 15.36
C GLY B 6 -5.72 -1.15 14.76
N THR B 7 -7.01 -1.07 15.09
CA THR B 7 -7.87 0.03 14.69
C THR B 7 -8.77 0.46 15.88
N VAL B 8 -8.96 1.78 15.98
CA VAL B 8 -9.93 2.34 16.91
C VAL B 8 -10.74 3.38 16.14
N THR B 9 -12.05 3.46 16.41
CA THR B 9 -12.87 4.50 15.80
C THR B 9 -13.10 5.66 16.76
N THR B 10 -12.80 6.88 16.34
CA THR B 10 -12.95 8.04 17.20
C THR B 10 -14.43 8.40 17.37
N LYS B 11 -14.69 9.35 18.28
CA LYS B 11 -16.04 9.86 18.58
C LYS B 11 -16.62 10.48 17.33
N ASP B 12 -15.78 11.07 16.49
CA ASP B 12 -16.24 11.70 15.25
C ASP B 12 -16.15 10.72 14.03
N GLY B 13 -16.08 9.40 14.30
CA GLY B 13 -16.15 8.36 13.25
C GLY B 13 -14.92 8.09 12.39
N VAL B 14 -13.75 8.55 12.83
CA VAL B 14 -12.52 8.37 12.07
C VAL B 14 -11.86 7.08 12.54
N GLU B 15 -11.46 6.23 11.61
CA GLU B 15 -10.74 5.03 11.98
C GLU B 15 -9.24 5.36 12.04
N ILE B 16 -8.65 5.18 13.23
CA ILE B 16 -7.19 5.38 13.42
C ILE B 16 -6.50 4.02 13.49
N PHE B 17 -5.52 3.83 12.60
CA PHE B 17 -4.66 2.67 12.64
C PHE B 17 -3.56 2.82 13.70
N TYR B 18 -3.26 1.72 14.41
CA TYR B 18 -2.11 1.74 15.35
C TYR B 18 -1.48 0.35 15.41
N LYS B 19 -0.21 0.38 15.79
CA LYS B 19 0.58 -0.79 16.14
C LYS B 19 0.73 -0.77 17.64
N ASP B 20 0.63 -1.91 18.29
CA ASP B 20 0.77 -2.06 19.72
C ASP B 20 1.55 -3.38 19.91
N TRP B 21 2.85 -3.25 20.20
CA TRP B 21 3.75 -4.39 20.25
C TRP B 21 4.40 -4.52 21.61
N GLY B 22 4.40 -5.72 22.15
CA GLY B 22 5.24 -6.00 23.31
C GLY B 22 4.42 -6.50 24.49
N PRO B 23 5.12 -6.89 25.56
CA PRO B 23 4.43 -7.46 26.68
C PRO B 23 3.41 -6.48 27.26
N ARG B 24 2.25 -7.04 27.59
CA ARG B 24 1.13 -6.24 28.03
C ARG B 24 1.41 -5.46 29.30
N ASP B 25 2.25 -5.98 30.18
CA ASP B 25 2.55 -5.33 31.43
C ASP B 25 3.87 -4.47 31.45
N ALA B 26 4.55 -4.31 30.33
CA ALA B 26 5.83 -3.58 30.29
C ALA B 26 5.60 -2.07 30.22
N LYS B 27 6.64 -1.30 30.53
CA LYS B 27 6.58 0.15 30.38
C LYS B 27 6.31 0.46 28.91
N VAL B 28 5.53 1.51 28.67
CA VAL B 28 5.03 1.83 27.32
C VAL B 28 5.69 3.09 26.79
N ILE B 29 6.03 3.05 25.50
CA ILE B 29 6.47 4.21 24.76
C ILE B 29 5.53 4.38 23.59
N HIS B 30 4.93 5.56 23.47
CA HIS B 30 3.94 5.85 22.40
C HIS B 30 4.59 6.85 21.48
N PHE B 31 4.64 6.55 20.20
CA PHE B 31 5.36 7.33 19.18
C PHE B 31 4.36 8.00 18.22
N HIS B 32 4.67 9.24 17.86
CA HIS B 32 3.86 10.13 17.05
C HIS B 32 4.69 10.60 15.88
N HIS B 33 4.30 10.20 14.69
CA HIS B 33 5.12 10.38 13.47
C HIS B 33 4.99 11.78 12.86
N GLY B 34 5.83 12.06 11.90
CA GLY B 34 5.80 13.33 11.19
C GLY B 34 5.04 13.37 9.91
N TRP B 35 4.98 14.57 9.33
CA TRP B 35 4.31 14.79 8.04
C TRP B 35 5.20 14.35 6.89
N PRO B 36 4.65 13.74 5.82
CA PRO B 36 3.33 13.22 5.57
C PRO B 36 3.31 11.69 5.71
N LEU B 37 3.86 11.18 6.80
CA LEU B 37 4.26 9.76 6.87
C LEU B 37 3.25 8.95 7.66
N SER B 38 3.71 7.96 8.42
CA SER B 38 2.85 7.05 9.16
C SER B 38 3.68 6.46 10.27
N SER B 39 3.07 5.57 11.04
CA SER B 39 3.74 4.86 12.14
C SER B 39 4.88 3.99 11.61
N ASP B 40 4.89 3.66 10.33
CA ASP B 40 6.03 2.95 9.73
C ASP B 40 7.34 3.75 9.81
N ASP B 41 7.27 5.07 9.94
CA ASP B 41 8.47 5.89 10.02
C ASP B 41 9.28 5.57 11.33
N TRP B 42 8.62 4.94 12.29
CA TRP B 42 9.24 4.54 13.52
C TRP B 42 9.84 3.14 13.56
N ASP B 43 9.84 2.42 12.46
CA ASP B 43 10.27 1.02 12.47
C ASP B 43 11.56 0.80 13.28
N ALA B 44 12.58 1.62 13.06
CA ALA B 44 13.87 1.34 13.73
C ALA B 44 13.75 1.42 15.26
N GLN B 45 12.97 2.39 15.74
CA GLN B 45 12.74 2.53 17.19
C GLN B 45 11.81 1.48 17.75
N LEU B 46 10.71 1.18 17.04
CA LEU B 46 9.76 0.18 17.57
C LEU B 46 10.43 -1.16 17.75
N LEU B 47 11.25 -1.56 16.78
CA LEU B 47 11.90 -2.85 16.82
C LEU B 47 12.92 -2.88 17.98
N PHE B 48 13.71 -1.82 18.12
CA PHE B 48 14.69 -1.71 19.16
C PHE B 48 14.04 -1.89 20.54
N PHE B 49 12.94 -1.17 20.79
CA PHE B 49 12.34 -1.23 22.12
C PHE B 49 11.56 -2.52 22.38
N VAL B 50 10.83 -3.03 21.38
CA VAL B 50 10.11 -4.29 21.61
C VAL B 50 11.12 -5.42 21.81
N ASN B 51 12.26 -5.39 21.10
CA ASN B 51 13.27 -6.46 21.30
C ASN B 51 13.92 -6.41 22.70
N LYS B 52 13.86 -5.27 23.34
CA LYS B 52 14.29 -5.09 24.71
C LYS B 52 13.22 -5.36 25.76
N GLY B 53 12.02 -5.75 25.35
CA GLY B 53 10.96 -6.15 26.28
C GLY B 53 10.01 -5.06 26.72
N PHE B 54 10.11 -3.90 26.05
CA PHE B 54 9.15 -2.81 26.26
C PHE B 54 7.93 -2.97 25.37
N ARG B 55 6.91 -2.21 25.69
CA ARG B 55 5.66 -2.13 24.94
C ARG B 55 5.69 -0.82 24.17
N VAL B 56 5.44 -0.87 22.85
CA VAL B 56 5.46 0.29 22.02
C VAL B 56 4.11 0.42 21.31
N VAL B 57 3.66 1.67 21.22
CA VAL B 57 2.43 2.04 20.55
C VAL B 57 2.77 3.13 19.53
N ALA B 58 2.24 3.02 18.35
CA ALA B 58 2.45 4.05 17.34
C ALA B 58 1.23 4.07 16.45
N HIS B 59 0.61 5.24 16.30
CA HIS B 59 -0.64 5.33 15.48
C HIS B 59 -0.43 6.21 14.27
N ASP B 60 -1.25 6.00 13.23
CA ASP B 60 -1.24 6.82 12.03
C ASP B 60 -2.22 8.00 12.23
N ARG B 61 -1.74 9.20 11.98
CA ARG B 61 -2.53 10.42 12.05
C ARG B 61 -3.71 10.28 11.07
N ARG B 62 -4.81 10.95 11.38
CA ARG B 62 -5.96 11.02 10.47
C ARG B 62 -5.52 11.43 9.08
N GLY B 63 -6.03 10.70 8.10
CA GLY B 63 -5.74 10.88 6.72
C GLY B 63 -4.33 10.55 6.31
N HIS B 64 -3.57 9.91 7.20
CA HIS B 64 -2.26 9.43 6.92
C HIS B 64 -2.19 7.94 7.02
N GLY B 65 -1.26 7.33 6.29
CA GLY B 65 -1.03 5.93 6.37
C GLY B 65 -2.29 5.11 6.16
N ARG B 66 -2.64 4.28 7.14
CA ARG B 66 -3.82 3.43 7.06
C ARG B 66 -5.04 4.01 7.78
N SER B 67 -4.95 5.22 8.32
CA SER B 67 -6.11 5.88 8.96
C SER B 67 -7.08 6.46 7.90
N SER B 68 -8.33 6.63 8.29
CA SER B 68 -9.37 7.12 7.39
C SER B 68 -9.00 8.39 6.68
N GLN B 69 -9.38 8.47 5.41
CA GLN B 69 -9.20 9.70 4.64
C GLN B 69 -10.36 10.72 4.85
N VAL B 70 -10.49 11.13 6.12
CA VAL B 70 -11.49 12.14 6.54
C VAL B 70 -11.03 13.50 5.97
N TRP B 71 -11.98 14.30 5.54
CA TRP B 71 -11.60 15.54 4.80
C TRP B 71 -11.31 16.71 5.67
N ASP B 72 -11.79 16.65 6.92
CA ASP B 72 -11.68 17.77 7.82
C ASP B 72 -11.10 17.45 9.17
N GLY B 73 -11.03 18.45 10.03
CA GLY B 73 -10.36 18.31 11.36
C GLY B 73 -8.85 18.11 11.25
N HIS B 74 -8.21 18.66 10.21
CA HIS B 74 -6.76 18.56 10.08
C HIS B 74 -6.11 19.69 10.84
N ASP B 75 -6.15 19.56 12.15
CA ASP B 75 -5.55 20.51 13.02
C ASP B 75 -5.09 19.81 14.30
N MET B 76 -4.26 20.49 15.06
CA MET B 76 -3.62 19.86 16.21
C MET B 76 -4.56 19.42 17.32
N ASP B 77 -5.70 20.13 17.49
CA ASP B 77 -6.69 19.71 18.45
C ASP B 77 -7.26 18.34 18.11
N HIS B 78 -7.64 18.13 16.85
CA HIS B 78 -8.13 16.82 16.44
C HIS B 78 -7.02 15.78 16.47
N TYR B 79 -5.79 16.12 16.06
CA TYR B 79 -4.69 15.14 16.12
C TYR B 79 -4.52 14.64 17.55
N ALA B 80 -4.58 15.58 18.50
CA ALA B 80 -4.48 15.24 19.91
C ALA B 80 -5.61 14.35 20.37
N ASP B 81 -6.83 14.67 19.97
CA ASP B 81 -7.97 13.87 20.36
C ASP B 81 -7.94 12.48 19.77
N ASP B 82 -7.44 12.34 18.56
CA ASP B 82 -7.29 11.05 17.94
C ASP B 82 -6.26 10.19 18.68
N ALA B 83 -5.15 10.80 19.07
CA ALA B 83 -4.16 10.12 19.93
C ALA B 83 -4.77 9.67 21.27
N ALA B 84 -5.60 10.51 21.87
CA ALA B 84 -6.29 10.18 23.12
C ALA B 84 -7.22 8.98 22.95
N ALA B 85 -7.83 8.84 21.77
CA ALA B 85 -8.69 7.69 21.46
C ALA B 85 -7.92 6.40 21.52
N VAL B 86 -6.71 6.41 20.99
CA VAL B 86 -5.84 5.24 21.05
C VAL B 86 -5.45 4.91 22.51
N VAL B 87 -5.00 5.91 23.25
CA VAL B 87 -4.63 5.72 24.68
C VAL B 87 -5.80 5.18 25.51
N GLU B 88 -7.01 5.71 25.26
CA GLU B 88 -8.21 5.28 25.98
C GLU B 88 -8.50 3.82 25.66
N LYS B 89 -8.40 3.43 24.41
CA LYS B 89 -8.73 2.03 24.08
C LYS B 89 -7.73 1.07 24.74
N LEU B 90 -6.46 1.43 24.68
CA LEU B 90 -5.41 0.55 25.16
C LEU B 90 -5.16 0.62 26.68
N GLY B 91 -5.65 1.68 27.31
CA GLY B 91 -5.37 1.94 28.75
C GLY B 91 -3.90 2.22 29.05
N THR B 92 -3.22 2.89 28.15
CA THR B 92 -1.76 3.10 28.24
C THR B 92 -1.36 4.45 28.88
N HIS B 93 -2.30 5.09 29.60
CA HIS B 93 -1.98 6.28 30.37
C HIS B 93 -0.74 6.09 31.20
N GLY B 94 0.11 7.13 31.26
CA GLY B 94 1.36 7.03 31.99
C GLY B 94 2.58 6.69 31.10
N ALA B 95 2.33 6.49 29.81
CA ALA B 95 3.39 6.14 28.87
C ALA B 95 4.36 7.31 28.73
N MET B 96 5.56 7.01 28.27
CA MET B 96 6.42 8.03 27.65
C MET B 96 5.93 8.33 26.24
N HIS B 97 5.78 9.61 25.88
CA HIS B 97 5.29 9.97 24.54
C HIS B 97 6.39 10.63 23.78
N VAL B 98 6.68 10.11 22.59
CA VAL B 98 7.76 10.57 21.72
C VAL B 98 7.19 11.03 20.39
N GLY B 99 7.53 12.26 20.01
CA GLY B 99 7.11 12.81 18.74
C GLY B 99 8.25 13.15 17.85
N HIS B 100 8.10 12.93 16.55
CA HIS B 100 9.04 13.47 15.57
C HIS B 100 8.36 14.48 14.70
N SER B 101 9.00 15.63 14.52
CA SER B 101 8.57 16.59 13.51
C SER B 101 7.17 17.09 13.87
N THR B 102 6.18 16.99 12.96
CA THR B 102 4.78 17.33 13.28
C THR B 102 4.30 16.59 14.53
N GLY B 103 4.81 15.37 14.70
CA GLY B 103 4.40 14.55 15.85
C GLY B 103 4.74 15.12 17.18
N GLY B 104 5.82 15.91 17.22
CA GLY B 104 6.16 16.58 18.48
C GLY B 104 5.15 17.65 18.81
N GLY B 105 4.64 18.36 17.81
CA GLY B 105 3.53 19.26 18.07
C GLY B 105 2.30 18.51 18.61
N GLU B 106 2.00 17.37 18.01
CA GLU B 106 0.88 16.57 18.44
C GLU B 106 1.08 16.13 19.88
N VAL B 107 2.30 15.75 20.27
CA VAL B 107 2.54 15.35 21.68
C VAL B 107 2.25 16.54 22.64
N VAL B 108 2.74 17.72 22.31
CA VAL B 108 2.54 18.92 23.10
C VAL B 108 1.06 19.25 23.24
N ARG B 109 0.31 19.26 22.13
CA ARG B 109 -1.14 19.56 22.22
C ARG B 109 -1.91 18.45 22.95
N TYR B 110 -1.50 17.19 22.79
CA TYR B 110 -2.10 16.11 23.59
C TYR B 110 -1.93 16.32 25.11
N ILE B 111 -0.70 16.65 25.51
CA ILE B 111 -0.44 16.96 26.92
C ILE B 111 -1.31 18.15 27.39
N ALA B 112 -1.34 19.23 26.59
CA ALA B 112 -2.12 20.43 26.94
C ALA B 112 -3.62 20.14 27.04
N ARG B 113 -4.16 19.36 26.11
CA ARG B 113 -5.60 19.16 26.02
C ARG B 113 -6.08 18.04 26.93
N HIS B 114 -5.29 16.99 27.07
CA HIS B 114 -5.70 15.83 27.81
C HIS B 114 -4.98 15.66 29.13
N GLY B 115 -3.98 16.46 29.41
CA GLY B 115 -3.41 16.50 30.76
C GLY B 115 -2.10 15.74 30.92
N GLU B 116 -1.14 16.40 31.55
CA GLU B 116 0.18 15.83 31.69
C GLU B 116 0.15 14.71 32.71
N ARG B 117 -0.94 14.60 33.47
CA ARG B 117 -1.07 13.47 34.39
C ARG B 117 -1.05 12.12 33.67
N ASN B 118 -1.40 12.11 32.39
CA ASN B 118 -1.46 10.90 31.60
C ASN B 118 -0.15 10.58 30.87
N VAL B 119 0.85 11.40 31.05
CA VAL B 119 2.15 11.27 30.34
C VAL B 119 3.30 11.33 31.36
N SER B 120 4.13 10.29 31.44
CA SER B 120 5.20 10.29 32.44
C SER B 120 6.36 11.18 32.05
N LYS B 121 6.71 11.14 30.75
CA LYS B 121 7.85 11.88 30.20
C LYS B 121 7.54 12.14 28.76
N ALA B 122 8.10 13.16 28.17
CA ALA B 122 7.85 13.45 26.75
C ALA B 122 9.15 13.71 26.04
N VAL B 123 9.23 13.31 24.76
CA VAL B 123 10.41 13.59 23.96
C VAL B 123 10.00 14.28 22.64
N LEU B 124 10.63 15.38 22.29
CA LEU B 124 10.37 16.10 21.05
C LEU B 124 11.59 15.99 20.17
N ILE B 125 11.54 15.11 19.15
CA ILE B 125 12.62 14.92 18.22
C ILE B 125 12.36 15.75 16.96
N SER B 126 13.25 16.67 16.64
CA SER B 126 13.19 17.44 15.40
C SER B 126 11.80 18.09 15.25
N SER B 127 11.24 18.56 16.35
CA SER B 127 9.82 18.89 16.39
C SER B 127 9.48 20.36 16.06
N VAL B 128 8.27 20.55 15.55
CA VAL B 128 7.78 21.86 15.12
C VAL B 128 7.61 22.95 16.20
N PRO B 129 7.32 22.61 17.46
CA PRO B 129 7.20 23.71 18.45
C PRO B 129 8.49 24.55 18.60
N PRO B 130 8.35 25.84 19.00
CA PRO B 130 7.10 26.45 19.45
C PRO B 130 6.16 26.93 18.34
N LEU B 131 6.72 27.42 17.24
CA LEU B 131 5.90 27.95 16.14
C LEU B 131 6.86 28.16 14.98
N MET B 132 6.58 27.55 13.82
CA MET B 132 7.48 27.68 12.71
C MET B 132 7.36 29.01 11.95
N VAL B 133 6.12 29.43 11.67
CA VAL B 133 5.92 30.57 10.77
C VAL B 133 6.30 31.88 11.45
N LYS B 134 6.81 32.80 10.64
CA LYS B 134 7.06 34.17 11.03
C LYS B 134 5.78 34.91 11.43
N THR B 135 5.81 35.63 12.56
CA THR B 135 4.68 36.46 13.04
C THR B 135 5.27 37.66 13.79
N SER B 136 4.46 38.61 14.25
CA SER B 136 5.02 39.70 15.05
C SER B 136 5.78 39.26 16.25
N SER B 137 5.25 38.27 17.00
CA SER B 137 5.97 37.80 18.17
CA SER B 137 5.94 37.78 18.18
C SER B 137 6.96 36.66 17.90
N ASN B 138 7.04 36.16 16.65
CA ASN B 138 8.03 35.15 16.19
C ASN B 138 8.77 35.73 14.96
N PRO B 139 9.46 36.85 15.17
CA PRO B 139 10.14 37.56 14.08
C PRO B 139 11.15 36.76 13.30
N ASN B 140 11.77 35.78 13.93
CA ASN B 140 12.76 34.97 13.23
C ASN B 140 12.24 33.70 12.63
N GLY B 141 10.92 33.57 12.55
CA GLY B 141 10.33 32.36 11.97
C GLY B 141 10.45 32.31 10.45
N THR B 142 9.96 31.24 9.85
CA THR B 142 10.00 31.06 8.39
C THR B 142 8.85 31.80 7.74
N PRO B 143 9.12 32.57 6.67
CA PRO B 143 8.01 33.27 6.01
C PRO B 143 6.87 32.34 5.60
N LYS B 144 5.62 32.76 5.81
CA LYS B 144 4.47 31.93 5.44
C LYS B 144 4.53 31.47 3.96
N SER B 145 5.07 32.29 3.08
CA SER B 145 5.20 31.91 1.67
C SER B 145 5.93 30.58 1.42
N VAL B 146 6.83 30.21 2.31
CA VAL B 146 7.56 28.94 2.18
C VAL B 146 6.57 27.76 2.30
N PHE B 147 5.64 27.86 3.25
CA PHE B 147 4.62 26.84 3.49
C PHE B 147 3.52 26.87 2.44
N ASP B 148 3.16 28.06 1.99
CA ASP B 148 2.24 28.18 0.87
C ASP B 148 2.80 27.47 -0.35
N ASP B 149 4.09 27.62 -0.56
CA ASP B 149 4.75 26.91 -1.69
C ASP B 149 4.75 25.39 -1.54
N PHE B 150 4.98 24.89 -0.33
CA PHE B 150 4.80 23.43 -0.11
C PHE B 150 3.40 22.98 -0.48
N GLN B 151 2.39 23.73 -0.05
CA GLN B 151 1.02 23.37 -0.36
C GLN B 151 0.83 23.39 -1.85
N ALA B 152 1.41 24.38 -2.55
CA ALA B 152 1.22 24.45 -4.01
C ALA B 152 1.89 23.23 -4.68
N HIS B 153 3.00 22.73 -4.12
CA HIS B 153 3.66 21.53 -4.68
C HIS B 153 2.82 20.30 -4.51
N VAL B 154 2.19 20.18 -3.34
CA VAL B 154 1.32 19.05 -3.09
C VAL B 154 0.17 19.10 -4.10
N ALA B 155 -0.37 20.29 -4.36
CA ALA B 155 -1.50 20.41 -5.26
C ALA B 155 -1.13 20.14 -6.72
N ALA B 156 0.10 20.46 -7.09
CA ALA B 156 0.60 20.40 -8.48
C ALA B 156 1.03 18.98 -8.89
N ASN B 157 1.79 18.32 -8.04
CA ASN B 157 2.26 16.99 -8.33
C ASN B 157 2.77 16.35 -7.04
N ARG B 158 1.85 15.90 -6.22
CA ARG B 158 2.18 15.29 -4.96
C ARG B 158 3.18 14.12 -5.14
N ALA B 159 2.93 13.29 -6.17
CA ALA B 159 3.73 12.10 -6.48
C ALA B 159 5.21 12.46 -6.65
N GLN B 160 5.49 13.54 -7.38
CA GLN B 160 6.85 13.94 -7.60
C GLN B 160 7.41 14.66 -6.38
N PHE B 161 6.60 15.53 -5.77
CA PHE B 161 7.06 16.26 -4.60
C PHE B 161 7.52 15.28 -3.47
N TYR B 162 6.84 14.16 -3.37
CA TYR B 162 7.18 13.18 -2.34
C TYR B 162 8.42 12.31 -2.62
N LEU B 163 9.02 12.44 -3.80
CA LEU B 163 10.34 11.93 -4.05
C LEU B 163 11.34 13.04 -3.78
N ASP B 164 11.01 14.25 -4.20
CA ASP B 164 11.95 15.35 -4.14
C ASP B 164 12.32 15.74 -2.69
N VAL B 165 11.34 15.67 -1.79
CA VAL B 165 11.61 16.01 -0.37
C VAL B 165 12.61 15.05 0.27
N PRO B 166 12.33 13.72 0.22
CA PRO B 166 13.29 12.80 0.86
C PRO B 166 14.61 12.67 0.10
N ALA B 167 14.59 12.93 -1.19
CA ALA B 167 15.84 12.83 -1.97
C ALA B 167 16.73 14.07 -1.71
N GLY B 168 16.15 15.14 -1.17
CA GLY B 168 16.85 16.44 -1.00
C GLY B 168 17.01 16.86 0.46
N PRO B 169 16.11 17.69 0.99
CA PRO B 169 16.31 18.27 2.32
C PRO B 169 16.08 17.31 3.52
N PHE B 170 15.24 16.29 3.40
CA PHE B 170 14.71 15.65 4.63
C PHE B 170 15.82 14.87 5.40
N TYR B 171 16.65 14.15 4.66
CA TYR B 171 17.69 13.32 5.26
C TYR B 171 19.06 13.94 5.06
N GLY B 172 19.13 15.12 4.46
CA GLY B 172 20.42 15.77 4.14
C GLY B 172 21.15 15.08 2.99
N TYR B 173 20.43 14.35 2.16
CA TYR B 173 21.09 13.68 1.08
C TYR B 173 21.56 14.65 0.01
N ASN B 174 21.12 15.89 0.07
CA ASN B 174 21.62 16.94 -0.78
C ASN B 174 22.95 17.56 -0.34
N ARG B 175 23.56 17.06 0.72
CA ARG B 175 24.81 17.61 1.22
C ARG B 175 26.01 16.91 0.59
N PRO B 176 27.12 17.64 0.40
CA PRO B 176 28.27 16.92 -0.19
C PRO B 176 28.72 15.77 0.71
N GLY B 177 29.11 14.64 0.11
CA GLY B 177 29.52 13.48 0.88
C GLY B 177 28.39 12.67 1.50
N ALA B 178 27.13 13.01 1.21
CA ALA B 178 26.02 12.25 1.82
C ALA B 178 25.91 10.92 1.05
N LYS B 179 25.36 9.90 1.68
CA LYS B 179 25.23 8.57 1.04
C LYS B 179 23.75 8.26 0.94
N PRO B 180 23.07 8.63 -0.14
CA PRO B 180 21.61 8.43 -0.15
C PRO B 180 21.26 6.94 -0.21
N SER B 181 20.14 6.58 0.39
CA SER B 181 19.60 5.22 0.33
C SER B 181 18.31 5.32 -0.49
N GLU B 182 18.32 4.63 -1.63
CA GLU B 182 17.13 4.55 -2.47
C GLU B 182 15.93 3.95 -1.73
N GLY B 183 16.17 2.93 -0.94
CA GLY B 183 15.07 2.38 -0.11
C GLY B 183 14.42 3.34 0.85
N VAL B 184 15.26 4.15 1.52
CA VAL B 184 14.77 5.13 2.47
C VAL B 184 13.89 6.17 1.69
N ILE B 185 14.38 6.62 0.53
CA ILE B 185 13.65 7.62 -0.26
C ILE B 185 12.27 7.07 -0.70
N TYR B 186 12.26 5.87 -1.29
CA TYR B 186 11.01 5.25 -1.75
CA TYR B 186 11.00 5.28 -1.74
C TYR B 186 10.06 4.90 -0.60
N ASN B 187 10.61 4.55 0.55
CA ASN B 187 9.76 4.22 1.70
C ASN B 187 9.06 5.47 2.24
N TRP B 188 9.74 6.61 2.24
CA TRP B 188 9.13 7.90 2.62
C TRP B 188 7.96 8.20 1.67
N TRP B 189 8.24 8.09 0.38
CA TRP B 189 7.27 8.27 -0.70
C TRP B 189 6.06 7.35 -0.55
N ARG B 190 6.32 6.05 -0.29
CA ARG B 190 5.30 5.04 -0.15
C ARG B 190 4.29 5.40 0.99
N GLN B 191 4.84 5.83 2.12
CA GLN B 191 4.03 6.24 3.23
C GLN B 191 3.21 7.50 2.92
N GLY B 192 3.85 8.47 2.30
CA GLY B 192 3.12 9.66 1.93
C GLY B 192 1.96 9.38 0.99
N MET B 193 2.19 8.57 -0.06
CA MET B 193 1.21 8.43 -1.12
C MET B 193 0.01 7.65 -0.70
N MET B 194 0.15 6.75 0.27
CA MET B 194 -1.05 6.05 0.75
C MET B 194 -2.01 6.92 1.55
N GLY B 195 -1.50 8.01 2.12
CA GLY B 195 -2.33 9.01 2.79
C GLY B 195 -3.15 9.88 1.81
N SER B 196 -4.02 10.69 2.41
CA SER B 196 -4.92 11.58 1.69
C SER B 196 -4.20 12.87 1.28
N THR B 197 -4.31 13.25 0.01
CA THR B 197 -3.74 14.50 -0.42
C THR B 197 -4.34 15.71 0.34
N LYS B 198 -5.64 15.69 0.58
CA LYS B 198 -6.32 16.71 1.36
C LYS B 198 -5.83 16.80 2.81
N ALA B 199 -5.77 15.69 3.54
CA ALA B 199 -5.22 15.67 4.91
C ALA B 199 -3.82 16.25 4.94
N GLN B 200 -3.03 15.89 3.94
CA GLN B 200 -1.65 16.35 3.88
C GLN B 200 -1.51 17.81 3.46
N TYR B 201 -2.33 18.24 2.53
CA TYR B 201 -2.35 19.64 2.13
C TYR B 201 -2.73 20.53 3.32
N ASP B 202 -3.81 20.17 4.03
CA ASP B 202 -4.21 20.92 5.24
C ASP B 202 -3.20 20.79 6.36
N GLY B 203 -2.56 19.62 6.42
CA GLY B 203 -1.59 19.31 7.46
C GLY B 203 -0.37 20.18 7.50
N ILE B 204 0.00 20.75 6.36
CA ILE B 204 1.06 21.73 6.27
C ILE B 204 0.72 22.92 7.13
N VAL B 205 -0.50 23.43 7.06
CA VAL B 205 -0.90 24.51 7.94
C VAL B 205 -0.81 24.05 9.42
N ALA B 206 -1.33 22.86 9.69
CA ALA B 206 -1.37 22.39 11.07
C ALA B 206 0.04 22.35 11.70
N PHE B 207 1.04 21.89 10.94
CA PHE B 207 2.39 21.81 11.50
C PHE B 207 3.19 23.11 11.54
N SER B 208 2.97 23.97 10.58
CA SER B 208 3.79 25.17 10.41
C SER B 208 3.17 26.42 11.06
N GLN B 209 1.87 26.39 11.26
CA GLN B 209 1.08 27.56 11.59
C GLN B 209 0.19 27.31 12.81
N THR B 210 0.76 26.64 13.80
CA THR B 210 0.13 26.41 15.10
C THR B 210 1.14 26.85 16.16
N ASP B 211 0.71 27.71 17.06
CA ASP B 211 1.58 28.23 18.11
C ASP B 211 1.42 27.31 19.33
N PHE B 212 2.48 26.66 19.75
CA PHE B 212 2.50 25.82 20.95
C PHE B 212 3.09 26.49 22.17
N THR B 213 3.39 27.80 22.11
CA THR B 213 4.12 28.49 23.21
C THR B 213 3.47 28.29 24.57
N ASN B 214 2.18 28.55 24.65
CA ASN B 214 1.47 28.44 25.95
C ASN B 214 1.32 26.98 26.37
N ASP B 215 1.14 26.07 25.40
CA ASP B 215 1.13 24.63 25.74
C ASP B 215 2.48 24.27 26.41
N LEU B 216 3.59 24.68 25.80
CA LEU B 216 4.91 24.31 26.31
C LEU B 216 5.14 24.86 27.71
N LYS B 217 4.70 26.09 27.92
CA LYS B 217 4.93 26.72 29.22
C LYS B 217 4.19 26.02 30.32
N GLY B 218 3.09 25.36 29.99
CA GLY B 218 2.32 24.59 30.95
C GLY B 218 2.88 23.18 31.27
N ILE B 219 3.90 22.70 30.56
CA ILE B 219 4.40 21.33 30.77
C ILE B 219 5.40 21.28 31.94
N THR B 220 5.10 20.51 32.99
CA THR B 220 5.97 20.40 34.13
C THR B 220 6.66 19.03 34.24
N ILE B 221 6.23 18.05 33.46
CA ILE B 221 6.86 16.71 33.46
C ILE B 221 8.24 16.80 32.77
N PRO B 222 9.10 15.77 32.94
CA PRO B 222 10.41 15.76 32.23
C PRO B 222 10.22 15.71 30.73
N VAL B 223 10.93 16.62 30.06
CA VAL B 223 10.93 16.75 28.63
C VAL B 223 12.34 16.66 28.09
N LEU B 224 12.54 15.81 27.10
CA LEU B 224 13.79 15.72 26.37
C LEU B 224 13.54 16.22 24.96
N VAL B 225 14.39 17.09 24.46
CA VAL B 225 14.35 17.59 23.11
C VAL B 225 15.62 17.11 22.41
N ILE B 226 15.47 16.52 21.23
CA ILE B 226 16.60 16.02 20.44
C ILE B 226 16.48 16.70 19.09
N HIS B 227 17.53 17.32 18.59
CA HIS B 227 17.39 18.06 17.36
C HIS B 227 18.71 18.12 16.67
N GLY B 228 18.69 17.92 15.35
CA GLY B 228 19.89 18.08 14.52
C GLY B 228 20.19 19.53 14.19
N ASP B 229 21.46 19.94 14.24
CA ASP B 229 21.79 21.35 13.97
C ASP B 229 21.96 21.66 12.50
N ASP B 230 21.79 20.67 11.61
CA ASP B 230 21.78 20.89 10.17
C ASP B 230 20.40 20.54 9.59
N ASP B 231 19.37 20.71 10.42
CA ASP B 231 18.04 20.38 10.03
C ASP B 231 17.51 21.39 8.99
N GLN B 232 17.26 20.91 7.77
CA GLN B 232 16.77 21.79 6.71
C GLN B 232 15.27 21.95 6.69
N VAL B 233 14.55 21.21 7.48
CA VAL B 233 13.09 21.17 7.42
C VAL B 233 12.47 21.97 8.61
N VAL B 234 12.99 21.78 9.81
CA VAL B 234 12.56 22.50 11.02
C VAL B 234 13.83 23.11 11.59
N PRO B 235 14.08 24.39 11.29
CA PRO B 235 15.28 25.07 11.71
C PRO B 235 15.52 24.99 13.21
N TYR B 236 16.70 24.50 13.58
CA TYR B 236 17.12 24.17 14.97
C TYR B 236 16.98 25.37 15.98
N ALA B 237 17.51 26.52 15.59
CA ALA B 237 17.44 27.69 16.45
C ALA B 237 16.02 28.19 16.75
N ASP B 238 15.03 27.97 15.88
CA ASP B 238 13.64 28.50 16.10
C ASP B 238 12.72 27.39 16.55
N SER B 239 13.27 26.25 16.94
CA SER B 239 12.45 25.13 17.33
C SER B 239 12.99 24.48 18.59
N GLY B 240 13.77 23.42 18.45
CA GLY B 240 14.23 22.66 19.62
C GLY B 240 14.97 23.47 20.68
N VAL B 241 15.80 24.41 20.24
CA VAL B 241 16.52 25.23 21.17
C VAL B 241 15.53 26.00 22.07
N LEU B 242 14.44 26.48 21.48
CA LEU B 242 13.44 27.27 22.19
C LEU B 242 12.52 26.40 23.06
N SER B 243 12.05 25.27 22.51
CA SER B 243 11.15 24.38 23.23
CA SER B 243 11.14 24.42 23.26
C SER B 243 11.80 23.86 24.52
N ALA B 244 13.09 23.54 24.45
CA ALA B 244 13.74 23.00 25.64
C ALA B 244 13.79 24.03 26.77
N LYS B 245 13.86 25.31 26.43
CA LYS B 245 13.87 26.40 27.44
C LYS B 245 12.47 26.81 27.93
N LEU B 246 11.44 26.67 27.11
CA LEU B 246 10.04 27.09 27.47
C LEU B 246 9.31 26.14 28.41
N VAL B 247 9.48 24.83 28.23
CA VAL B 247 8.95 23.87 29.17
C VAL B 247 9.63 24.11 30.55
N LYS B 248 8.99 23.69 31.62
CA LYS B 248 9.58 23.91 32.96
C LYS B 248 10.83 23.02 33.26
N ASN B 249 10.84 21.77 32.76
CA ASN B 249 11.89 20.80 33.07
C ASN B 249 12.35 20.15 31.76
N GLY B 250 13.08 20.92 30.94
CA GLY B 250 13.50 20.45 29.61
C GLY B 250 15.02 20.35 29.48
N LYS B 251 15.48 19.42 28.65
CA LYS B 251 16.90 19.10 28.40
C LYS B 251 17.02 19.06 26.87
N LEU B 252 18.08 19.57 26.28
CA LEU B 252 18.28 19.48 24.82
C LEU B 252 19.53 18.64 24.52
N ILE B 253 19.41 17.65 23.60
CA ILE B 253 20.55 16.93 23.02
C ILE B 253 20.62 17.39 21.55
N THR B 254 21.75 17.99 21.18
CA THR B 254 21.97 18.43 19.80
C THR B 254 22.83 17.41 19.05
N TYR B 255 22.35 16.95 17.90
CA TYR B 255 23.11 16.05 17.03
C TYR B 255 23.79 16.93 15.98
N LYS B 256 25.08 17.04 16.15
CA LYS B 256 25.89 17.91 15.30
C LYS B 256 25.96 17.37 13.88
N GLY B 257 25.71 18.25 12.91
CA GLY B 257 25.69 17.91 11.50
C GLY B 257 24.46 17.14 11.03
N ALA B 258 23.51 16.88 11.92
CA ALA B 258 22.46 15.89 11.64
C ALA B 258 21.27 16.60 10.89
N PRO B 259 20.55 15.86 10.03
CA PRO B 259 19.43 16.40 9.29
C PRO B 259 18.12 16.30 10.08
N HIS B 260 17.02 16.47 9.37
CA HIS B 260 15.73 16.35 9.95
C HIS B 260 15.36 14.92 10.28
N GLY B 261 15.63 13.98 9.37
CA GLY B 261 15.17 12.56 9.51
C GLY B 261 15.99 11.68 10.44
N ILE B 262 16.32 12.18 11.64
CA ILE B 262 17.23 11.48 12.54
C ILE B 262 16.78 10.12 13.10
N PRO B 263 15.43 9.89 13.21
CA PRO B 263 15.00 8.52 13.56
C PRO B 263 15.56 7.45 12.64
N THR B 264 15.78 7.83 11.39
CA THR B 264 16.40 6.95 10.39
C THR B 264 17.89 7.10 10.28
N THR B 265 18.38 8.30 10.07
CA THR B 265 19.82 8.52 9.80
C THR B 265 20.72 8.33 11.04
N HIS B 266 20.17 8.58 12.22
CA HIS B 266 20.88 8.56 13.50
C HIS B 266 20.16 7.62 14.45
N ALA B 267 19.62 6.53 13.88
CA ALA B 267 18.78 5.59 14.62
C ALA B 267 19.45 5.12 15.93
N ASP B 268 20.73 4.77 15.88
CA ASP B 268 21.36 4.17 17.05
C ASP B 268 21.49 5.17 18.18
N LYS B 269 21.76 6.42 17.83
CA LYS B 269 21.82 7.53 18.81
C LYS B 269 20.47 7.83 19.38
N VAL B 270 19.47 7.91 18.54
CA VAL B 270 18.09 8.15 19.01
C VAL B 270 17.66 7.05 19.97
N ASN B 271 17.89 5.79 19.56
CA ASN B 271 17.48 4.64 20.37
C ASN B 271 18.17 4.71 21.76
N ALA B 272 19.46 4.97 21.77
CA ALA B 272 20.21 5.08 23.03
C ALA B 272 19.73 6.22 23.94
N ASP B 273 19.51 7.39 23.36
CA ASP B 273 19.10 8.58 24.12
C ASP B 273 17.67 8.39 24.65
N LEU B 274 16.82 7.76 23.84
CA LEU B 274 15.44 7.45 24.32
C LEU B 274 15.46 6.45 25.46
N LEU B 275 16.32 5.44 25.36
CA LEU B 275 16.37 4.39 26.39
C LEU B 275 16.90 4.98 27.67
N GLU B 276 17.96 5.79 27.58
CA GLU B 276 18.50 6.44 28.77
C GLU B 276 17.41 7.34 29.46
N PHE B 277 16.68 8.14 28.68
CA PHE B 277 15.66 9.01 29.23
C PHE B 277 14.52 8.20 29.88
N LEU B 278 14.09 7.13 29.22
CA LEU B 278 13.06 6.25 29.71
C LEU B 278 13.43 5.67 31.07
N GLN B 279 14.69 5.28 31.24
CA GLN B 279 15.16 4.66 32.49
C GLN B 279 15.52 5.66 33.57
N SER B 280 15.58 6.95 33.22
CA SER B 280 16.01 7.98 34.16
C SER B 280 14.96 8.22 35.24
N SER C 4 -16.56 1.99 8.92
CA SER C 4 -17.73 2.37 8.08
C SER C 4 -17.38 3.61 7.21
N MET C 5 -16.57 4.56 7.71
CA MET C 5 -16.19 5.73 6.90
C MET C 5 -15.41 5.24 5.66
N GLY C 6 -15.90 5.55 4.49
CA GLY C 6 -15.20 5.20 3.25
C GLY C 6 -15.32 3.79 2.72
N THR C 7 -16.23 2.99 3.27
CA THR C 7 -16.52 1.69 2.69
C THR C 7 -18.03 1.46 2.62
N VAL C 8 -18.46 0.76 1.55
CA VAL C 8 -19.85 0.28 1.44
C VAL C 8 -19.80 -1.16 0.93
N THR C 9 -20.69 -2.02 1.41
CA THR C 9 -20.75 -3.39 0.95
C THR C 9 -21.92 -3.51 -0.02
N THR C 10 -21.67 -4.02 -1.19
CA THR C 10 -22.69 -4.15 -2.20
C THR C 10 -23.61 -5.34 -1.87
N LYS C 11 -24.73 -5.44 -2.59
CA LYS C 11 -25.69 -6.56 -2.52
C LYS C 11 -24.99 -7.90 -2.67
N ASP C 12 -23.96 -7.96 -3.52
CA ASP C 12 -23.21 -9.20 -3.73
C ASP C 12 -21.95 -9.38 -2.84
N GLY C 13 -21.87 -8.66 -1.71
CA GLY C 13 -20.81 -8.86 -0.70
C GLY C 13 -19.43 -8.27 -1.03
N VAL C 14 -19.35 -7.39 -2.04
CA VAL C 14 -18.12 -6.70 -2.40
C VAL C 14 -17.99 -5.39 -1.60
N GLU C 15 -16.83 -5.17 -0.99
CA GLU C 15 -16.56 -3.98 -0.29
C GLU C 15 -15.96 -2.98 -1.29
N ILE C 16 -16.59 -1.83 -1.42
CA ILE C 16 -16.14 -0.76 -2.31
C ILE C 16 -15.61 0.36 -1.44
N PHE C 17 -14.34 0.70 -1.64
CA PHE C 17 -13.72 1.85 -0.96
C PHE C 17 -14.11 3.15 -1.68
N TYR C 18 -14.35 4.22 -0.93
CA TYR C 18 -14.58 5.52 -1.51
C TYR C 18 -14.04 6.62 -0.62
N LYS C 19 -13.78 7.75 -1.29
CA LYS C 19 -13.46 9.03 -0.64
C LYS C 19 -14.69 9.91 -0.75
N ASP C 20 -15.02 10.62 0.31
CA ASP C 20 -16.17 11.50 0.30
C ASP C 20 -15.72 12.74 1.05
N TRP C 21 -15.40 13.82 0.31
CA TRP C 21 -14.80 14.97 0.92
C TRP C 21 -15.57 16.22 0.67
N GLY C 22 -15.82 16.99 1.70
CA GLY C 22 -16.30 18.38 1.56
C GLY C 22 -17.61 18.58 2.26
N PRO C 23 -18.12 19.80 2.24
CA PRO C 23 -19.31 20.11 3.01
C PRO C 23 -20.49 19.26 2.62
N ARG C 24 -21.27 18.82 3.60
CA ARG C 24 -22.33 17.88 3.33
C ARG C 24 -23.40 18.41 2.42
N ASP C 25 -23.63 19.72 2.43
CA ASP C 25 -24.70 20.30 1.66
C ASP C 25 -24.22 21.00 0.36
N ALA C 26 -22.98 20.77 -0.05
CA ALA C 26 -22.47 21.43 -1.24
C ALA C 26 -22.82 20.60 -2.46
N LYS C 27 -22.76 21.22 -3.64
CA LYS C 27 -22.93 20.49 -4.90
C LYS C 27 -21.87 19.39 -4.99
N VAL C 28 -22.28 18.26 -5.57
CA VAL C 28 -21.47 17.01 -5.57
C VAL C 28 -20.91 16.72 -6.94
N ILE C 29 -19.64 16.30 -6.97
CA ILE C 29 -19.05 15.77 -8.16
C ILE C 29 -18.54 14.38 -7.83
N HIS C 30 -18.94 13.41 -8.64
CA HIS C 30 -18.54 12.04 -8.40
C HIS C 30 -17.64 11.63 -9.54
N PHE C 31 -16.49 11.05 -9.18
CA PHE C 31 -15.44 10.73 -10.14
C PHE C 31 -15.25 9.22 -10.24
N HIS C 32 -15.04 8.75 -11.48
CA HIS C 32 -14.85 7.37 -11.79
C HIS C 32 -13.57 7.13 -12.57
N HIS C 33 -12.65 6.36 -11.98
CA HIS C 33 -11.26 6.25 -12.47
C HIS C 33 -11.10 5.23 -13.56
N GLY C 34 -9.93 5.23 -14.20
CA GLY C 34 -9.65 4.31 -15.27
C GLY C 34 -8.91 3.06 -14.88
N TRP C 35 -8.69 2.21 -15.88
CA TRP C 35 -7.95 0.97 -15.68
C TRP C 35 -6.44 1.27 -15.62
N PRO C 36 -5.67 0.56 -14.78
CA PRO C 36 -6.03 -0.35 -13.71
C PRO C 36 -5.85 0.36 -12.37
N LEU C 37 -6.39 1.57 -12.24
CA LEU C 37 -5.93 2.46 -11.18
C LEU C 37 -6.95 2.44 -10.02
N SER C 38 -7.18 3.61 -9.39
CA SER C 38 -8.02 3.73 -8.22
C SER C 38 -8.48 5.19 -8.13
N SER C 39 -9.27 5.48 -7.11
CA SER C 39 -9.68 6.85 -6.84
C SER C 39 -8.51 7.81 -6.59
N ASP C 40 -7.32 7.30 -6.24
CA ASP C 40 -6.15 8.16 -6.07
C ASP C 40 -5.76 8.85 -7.38
N ASP C 41 -6.14 8.28 -8.53
CA ASP C 41 -5.83 8.92 -9.80
C ASP C 41 -6.52 10.27 -10.00
N TRP C 42 -7.52 10.59 -9.18
CA TRP C 42 -8.17 11.87 -9.24
C TRP C 42 -7.67 12.90 -8.27
N ASP C 43 -6.62 12.61 -7.51
CA ASP C 43 -6.16 13.51 -6.47
C ASP C 43 -6.11 15.00 -6.84
N ALA C 44 -5.57 15.34 -8.04
CA ALA C 44 -5.46 16.75 -8.43
C ALA C 44 -6.85 17.41 -8.53
N GLN C 45 -7.83 16.68 -9.06
CA GLN C 45 -9.19 17.19 -9.17
C GLN C 45 -9.88 17.24 -7.82
N LEU C 46 -9.76 16.17 -7.04
CA LEU C 46 -10.46 16.13 -5.75
C LEU C 46 -10.02 17.28 -4.87
N LEU C 47 -8.71 17.54 -4.84
CA LEU C 47 -8.15 18.65 -4.01
C LEU C 47 -8.64 19.98 -4.51
N PHE C 48 -8.60 20.19 -5.82
CA PHE C 48 -9.08 21.45 -6.42
C PHE C 48 -10.52 21.75 -6.01
N PHE C 49 -11.39 20.77 -6.15
CA PHE C 49 -12.82 21.00 -5.89
C PHE C 49 -13.14 21.16 -4.42
N VAL C 50 -12.54 20.32 -3.57
CA VAL C 50 -12.82 20.42 -2.14
C VAL C 50 -12.27 21.75 -1.62
N ASN C 51 -11.13 22.19 -2.11
CA ASN C 51 -10.62 23.49 -1.69
C ASN C 51 -11.48 24.64 -2.13
N LYS C 52 -12.32 24.42 -3.14
CA LYS C 52 -13.29 25.43 -3.57
C LYS C 52 -14.63 25.32 -2.89
N GLY C 53 -14.79 24.39 -1.96
CA GLY C 53 -16.05 24.28 -1.19
C GLY C 53 -17.05 23.28 -1.74
N PHE C 54 -16.68 22.52 -2.77
CA PHE C 54 -17.56 21.48 -3.28
C PHE C 54 -17.40 20.18 -2.53
N ARG C 55 -18.35 19.27 -2.76
CA ARG C 55 -18.27 17.96 -2.21
C ARG C 55 -17.87 17.04 -3.34
N VAL C 56 -16.82 16.24 -3.07
CA VAL C 56 -16.37 15.30 -4.08
C VAL C 56 -16.45 13.85 -3.58
N VAL C 57 -16.87 12.95 -4.46
CA VAL C 57 -16.92 11.53 -4.16
C VAL C 57 -16.09 10.79 -5.20
N ALA C 58 -15.29 9.80 -4.80
CA ALA C 58 -14.56 9.03 -5.80
C ALA C 58 -14.37 7.62 -5.21
N HIS C 59 -14.82 6.59 -5.90
CA HIS C 59 -14.68 5.20 -5.37
C HIS C 59 -13.77 4.36 -6.23
N ASP C 60 -13.30 3.27 -5.64
CA ASP C 60 -12.40 2.32 -6.32
C ASP C 60 -13.25 1.22 -6.89
N ARG C 61 -13.10 0.98 -8.19
CA ARG C 61 -13.78 -0.12 -8.87
C ARG C 61 -13.47 -1.48 -8.17
N ARG C 62 -14.41 -2.40 -8.24
CA ARG C 62 -14.21 -3.73 -7.66
C ARG C 62 -12.88 -4.32 -8.13
N GLY C 63 -12.13 -4.89 -7.22
CA GLY C 63 -10.85 -5.48 -7.57
C GLY C 63 -9.75 -4.50 -7.88
N HIS C 64 -10.00 -3.21 -7.66
CA HIS C 64 -9.02 -2.15 -7.86
C HIS C 64 -8.79 -1.44 -6.55
N GLY C 65 -7.59 -0.88 -6.40
CA GLY C 65 -7.30 -0.08 -5.27
C GLY C 65 -7.53 -0.82 -3.95
N ARG C 66 -8.39 -0.23 -3.12
CA ARG C 66 -8.69 -0.78 -1.78
C ARG C 66 -10.03 -1.53 -1.75
N SER C 67 -10.68 -1.70 -2.89
CA SER C 67 -11.91 -2.48 -2.94
C SER C 67 -11.61 -3.99 -2.98
N SER C 68 -12.58 -4.80 -2.58
CA SER C 68 -12.42 -6.25 -2.48
C SER C 68 -11.89 -6.88 -3.77
N GLN C 69 -10.99 -7.84 -3.64
CA GLN C 69 -10.47 -8.59 -4.77
C GLN C 69 -11.42 -9.76 -5.10
N VAL C 70 -12.63 -9.39 -5.49
CA VAL C 70 -13.66 -10.34 -5.90
C VAL C 70 -13.23 -10.90 -7.27
N TRP C 71 -13.48 -12.18 -7.49
CA TRP C 71 -12.96 -12.82 -8.69
C TRP C 71 -13.81 -12.64 -9.93
N ASP C 72 -15.09 -12.33 -9.75
CA ASP C 72 -16.01 -12.29 -10.87
C ASP C 72 -16.81 -10.97 -10.92
N GLY C 73 -17.71 -10.88 -11.87
CA GLY C 73 -18.50 -9.68 -12.08
C GLY C 73 -17.70 -8.54 -12.66
N HIS C 74 -16.62 -8.84 -13.40
CA HIS C 74 -15.80 -7.78 -13.99
C HIS C 74 -16.31 -7.36 -15.36
N ASP C 75 -17.43 -6.65 -15.31
CA ASP C 75 -18.11 -6.14 -16.48
C ASP C 75 -18.82 -4.83 -16.13
N MET C 76 -19.22 -4.12 -17.16
CA MET C 76 -19.72 -2.77 -16.98
C MET C 76 -21.01 -2.73 -16.16
N ASP C 77 -21.87 -3.76 -16.27
CA ASP C 77 -23.09 -3.78 -15.48
C ASP C 77 -22.82 -3.83 -13.95
N HIS C 78 -21.86 -4.67 -13.54
CA HIS C 78 -21.45 -4.71 -12.17
C HIS C 78 -20.75 -3.45 -11.76
N TYR C 79 -19.90 -2.89 -12.62
CA TYR C 79 -19.23 -1.64 -12.25
C TYR C 79 -20.27 -0.53 -11.97
N ALA C 80 -21.30 -0.44 -12.81
CA ALA C 80 -22.35 0.56 -12.63
C ALA C 80 -23.12 0.31 -11.34
N ASP C 81 -23.45 -0.95 -11.05
CA ASP C 81 -24.19 -1.25 -9.84
C ASP C 81 -23.40 -1.00 -8.55
N ASP C 82 -22.10 -1.26 -8.58
CA ASP C 82 -21.23 -0.93 -7.47
C ASP C 82 -21.21 0.63 -7.26
N ALA C 83 -21.14 1.40 -8.35
CA ALA C 83 -21.24 2.87 -8.24
C ALA C 83 -22.58 3.28 -7.58
N ALA C 84 -23.64 2.59 -7.99
CA ALA C 84 -24.97 2.85 -7.48
C ALA C 84 -25.03 2.59 -5.97
N ALA C 85 -24.25 1.63 -5.46
CA ALA C 85 -24.20 1.31 -4.04
C ALA C 85 -23.59 2.45 -3.24
N VAL C 86 -22.55 3.07 -3.78
CA VAL C 86 -21.96 4.28 -3.18
C VAL C 86 -22.97 5.46 -3.15
N VAL C 87 -23.59 5.74 -4.31
CA VAL C 87 -24.55 6.84 -4.39
C VAL C 87 -25.73 6.64 -3.42
N GLU C 88 -26.20 5.40 -3.30
CA GLU C 88 -27.33 5.08 -2.43
C GLU C 88 -26.96 5.25 -0.97
N LYS C 89 -25.77 4.81 -0.57
CA LYS C 89 -25.29 5.05 0.79
C LYS C 89 -25.19 6.53 1.14
N LEU C 90 -24.58 7.31 0.26
CA LEU C 90 -24.27 8.72 0.51
C LEU C 90 -25.46 9.64 0.25
N GLY C 91 -26.46 9.22 -0.51
CA GLY C 91 -27.58 10.11 -0.83
C GLY C 91 -27.23 11.20 -1.83
N THR C 92 -26.26 10.95 -2.70
CA THR C 92 -25.72 12.01 -3.57
C THR C 92 -26.34 12.07 -4.98
N HIS C 93 -27.56 11.56 -5.13
CA HIS C 93 -28.31 11.64 -6.40
C HIS C 93 -28.37 13.07 -6.88
N GLY C 94 -28.18 13.32 -8.16
CA GLY C 94 -28.15 14.70 -8.71
C GLY C 94 -26.74 15.23 -8.91
N ALA C 95 -25.73 14.44 -8.52
CA ALA C 95 -24.34 14.84 -8.71
C ALA C 95 -23.97 15.02 -10.22
N MET C 96 -22.90 15.75 -10.45
CA MET C 96 -22.19 15.73 -11.72
C MET C 96 -21.29 14.50 -11.68
N HIS C 97 -21.35 13.64 -12.68
CA HIS C 97 -20.52 12.43 -12.75
C HIS C 97 -19.46 12.59 -13.79
N VAL C 98 -18.19 12.38 -13.40
CA VAL C 98 -17.04 12.54 -14.26
C VAL C 98 -16.26 11.22 -14.36
N GLY C 99 -16.05 10.71 -15.60
CA GLY C 99 -15.24 9.51 -15.78
C GLY C 99 -13.99 9.75 -16.58
N HIS C 100 -12.92 9.00 -16.27
CA HIS C 100 -11.73 8.98 -17.08
C HIS C 100 -11.53 7.58 -17.61
N SER C 101 -11.26 7.50 -18.89
CA SER C 101 -10.85 6.24 -19.50
C SER C 101 -11.97 5.19 -19.36
N THR C 102 -11.70 4.04 -18.77
CA THR C 102 -12.69 3.03 -18.47
C THR C 102 -13.83 3.62 -17.64
N GLY C 103 -13.49 4.57 -16.78
CA GLY C 103 -14.49 5.18 -15.90
C GLY C 103 -15.58 5.92 -16.64
N GLY C 104 -15.23 6.44 -17.81
CA GLY C 104 -16.22 7.08 -18.68
C GLY C 104 -17.24 6.08 -19.19
N GLY C 105 -16.79 4.85 -19.53
CA GLY C 105 -17.74 3.74 -19.77
C GLY C 105 -18.63 3.43 -18.59
N GLU C 106 -18.03 3.39 -17.41
CA GLU C 106 -18.78 3.14 -16.21
C GLU C 106 -19.87 4.20 -15.98
N VAL C 107 -19.54 5.48 -16.22
CA VAL C 107 -20.52 6.58 -16.10
C VAL C 107 -21.71 6.37 -17.04
N VAL C 108 -21.42 6.07 -18.32
CA VAL C 108 -22.46 5.89 -19.34
C VAL C 108 -23.37 4.70 -18.98
N ARG C 109 -22.79 3.60 -18.50
CA ARG C 109 -23.58 2.42 -18.11
C ARG C 109 -24.37 2.69 -16.82
N TYR C 110 -23.78 3.45 -15.90
CA TYR C 110 -24.50 3.89 -14.68
C TYR C 110 -25.75 4.68 -15.04
N ILE C 111 -25.61 5.61 -15.97
CA ILE C 111 -26.75 6.40 -16.42
C ILE C 111 -27.80 5.52 -17.10
N ALA C 112 -27.38 4.65 -18.03
CA ALA C 112 -28.29 3.74 -18.71
C ALA C 112 -28.98 2.82 -17.72
N ARG C 113 -28.27 2.29 -16.73
CA ARG C 113 -28.85 1.24 -15.88
C ARG C 113 -29.69 1.79 -14.74
N HIS C 114 -29.31 2.94 -14.21
CA HIS C 114 -29.91 3.50 -13.00
C HIS C 114 -30.62 4.82 -13.23
N GLY C 115 -30.49 5.38 -14.43
CA GLY C 115 -31.37 6.48 -14.88
C GLY C 115 -30.70 7.83 -14.83
N GLU C 116 -30.90 8.60 -15.89
CA GLU C 116 -30.26 9.90 -15.95
C GLU C 116 -30.96 10.92 -15.03
N ARG C 117 -32.15 10.61 -14.49
CA ARG C 117 -32.78 11.44 -13.46
C ARG C 117 -31.81 11.68 -12.29
N ASN C 118 -30.93 10.73 -12.02
CA ASN C 118 -29.98 10.77 -10.89
C ASN C 118 -28.65 11.44 -11.18
N VAL C 119 -28.49 11.97 -12.39
CA VAL C 119 -27.22 12.63 -12.78
C VAL C 119 -27.59 13.97 -13.43
N SER C 120 -27.06 15.06 -12.89
CA SER C 120 -27.38 16.37 -13.44
C SER C 120 -26.63 16.63 -14.74
N LYS C 121 -25.38 16.20 -14.78
CA LYS C 121 -24.45 16.49 -15.88
C LYS C 121 -23.41 15.37 -15.89
N ALA C 122 -22.85 15.04 -17.05
CA ALA C 122 -21.81 14.02 -17.15
C ALA C 122 -20.63 14.53 -17.94
N VAL C 123 -19.43 14.05 -17.60
CA VAL C 123 -18.21 14.41 -18.28
C VAL C 123 -17.47 13.12 -18.60
N LEU C 124 -17.07 12.98 -19.86
CA LEU C 124 -16.29 11.81 -20.33
C LEU C 124 -14.90 12.32 -20.74
N ILE C 125 -13.93 12.04 -19.91
CA ILE C 125 -12.56 12.45 -20.17
C ILE C 125 -11.80 11.24 -20.70
N SER C 126 -11.27 11.37 -21.90
CA SER C 126 -10.39 10.35 -22.50
C SER C 126 -11.05 8.99 -22.42
N SER C 127 -12.36 8.93 -22.65
CA SER C 127 -13.15 7.77 -22.30
C SER C 127 -13.32 6.74 -23.41
N VAL C 128 -13.46 5.46 -23.00
CA VAL C 128 -13.56 4.35 -23.93
C VAL C 128 -14.77 4.27 -24.91
N PRO C 129 -15.93 4.89 -24.59
CA PRO C 129 -17.05 4.77 -25.53
C PRO C 129 -16.73 5.47 -26.86
N PRO C 130 -17.42 5.03 -27.93
CA PRO C 130 -18.47 4.03 -27.95
C PRO C 130 -18.07 2.54 -27.97
N LEU C 131 -16.99 2.18 -28.63
CA LEU C 131 -16.55 0.78 -28.71
C LEU C 131 -15.11 0.79 -29.18
N MET C 132 -14.19 0.28 -28.38
CA MET C 132 -12.79 0.37 -28.80
C MET C 132 -12.44 -0.66 -29.86
N VAL C 133 -12.94 -1.87 -29.73
CA VAL C 133 -12.41 -2.98 -30.53
C VAL C 133 -12.93 -2.96 -31.95
N LYS C 134 -12.06 -3.36 -32.86
CA LYS C 134 -12.46 -3.53 -34.27
C LYS C 134 -13.43 -4.73 -34.43
N THR C 135 -14.52 -4.53 -35.17
CA THR C 135 -15.46 -5.59 -35.50
C THR C 135 -15.89 -5.37 -36.96
N SER C 136 -16.68 -6.29 -37.49
CA SER C 136 -17.16 -6.16 -38.87
C SER C 136 -17.98 -4.89 -39.04
N SER C 137 -18.62 -4.44 -37.98
CA SER C 137 -19.38 -3.18 -38.03
C SER C 137 -18.69 -2.01 -37.33
N ASN C 138 -17.41 -2.15 -37.00
CA ASN C 138 -16.59 -1.07 -36.41
C ASN C 138 -15.20 -1.18 -37.04
N PRO C 139 -15.12 -0.96 -38.34
CA PRO C 139 -13.86 -1.24 -39.02
C PRO C 139 -12.70 -0.33 -38.67
N ASN C 140 -12.97 0.87 -38.11
CA ASN C 140 -11.88 1.75 -37.67
C ASN C 140 -11.40 1.49 -36.24
N GLY C 141 -11.94 0.48 -35.58
CA GLY C 141 -11.51 0.13 -34.21
C GLY C 141 -10.10 -0.46 -34.13
N THR C 142 -9.67 -0.74 -32.91
CA THR C 142 -8.38 -1.34 -32.66
C THR C 142 -8.53 -2.85 -32.71
N PRO C 143 -7.63 -3.54 -33.45
CA PRO C 143 -7.77 -4.97 -33.52
C PRO C 143 -7.79 -5.66 -32.13
N LYS C 144 -8.63 -6.69 -32.02
CA LYS C 144 -8.78 -7.41 -30.76
C LYS C 144 -7.44 -7.92 -30.25
N SER C 145 -6.54 -8.29 -31.17
CA SER C 145 -5.24 -8.85 -30.77
C SER C 145 -4.46 -7.90 -29.88
N VAL C 146 -4.66 -6.60 -30.06
CA VAL C 146 -4.02 -5.58 -29.21
C VAL C 146 -4.37 -5.79 -27.73
N PHE C 147 -5.66 -6.04 -27.49
CA PHE C 147 -6.17 -6.26 -26.15
C PHE C 147 -5.80 -7.63 -25.64
N ASP C 148 -5.82 -8.63 -26.50
CA ASP C 148 -5.38 -9.95 -26.12
C ASP C 148 -3.92 -9.88 -25.65
N ASP C 149 -3.10 -9.08 -26.34
CA ASP C 149 -1.71 -8.90 -25.93
C ASP C 149 -1.55 -8.16 -24.57
N PHE C 150 -2.37 -7.15 -24.29
CA PHE C 150 -2.40 -6.51 -22.98
C PHE C 150 -2.70 -7.57 -21.93
N GLN C 151 -3.69 -8.42 -22.21
CA GLN C 151 -3.99 -9.50 -21.25
C GLN C 151 -2.79 -10.43 -21.03
N ALA C 152 -2.13 -10.84 -22.10
CA ALA C 152 -0.98 -11.71 -22.00
C ALA C 152 0.18 -11.05 -21.19
N HIS C 153 0.37 -9.74 -21.35
CA HIS C 153 1.35 -9.00 -20.50
C HIS C 153 0.99 -9.01 -19.06
N VAL C 154 -0.30 -8.81 -18.74
CA VAL C 154 -0.74 -8.86 -17.34
C VAL C 154 -0.45 -10.23 -16.76
N ALA C 155 -0.75 -11.26 -17.55
CA ALA C 155 -0.53 -12.67 -17.10
C ALA C 155 0.95 -13.00 -16.96
N ALA C 156 1.79 -12.47 -17.84
CA ALA C 156 3.24 -12.81 -17.90
C ALA C 156 4.09 -12.09 -16.85
N ASN C 157 3.85 -10.79 -16.70
CA ASN C 157 4.64 -9.98 -15.73
C ASN C 157 3.93 -8.65 -15.48
N ARG C 158 2.91 -8.72 -14.64
CA ARG C 158 2.08 -7.56 -14.36
C ARG C 158 2.96 -6.45 -13.77
N ALA C 159 3.89 -6.83 -12.89
CA ALA C 159 4.71 -5.85 -12.19
C ALA C 159 5.51 -4.98 -13.17
N GLN C 160 6.07 -5.59 -14.20
CA GLN C 160 6.81 -4.85 -15.21
C GLN C 160 5.93 -4.10 -16.18
N PHE C 161 4.87 -4.77 -16.64
CA PHE C 161 3.91 -4.11 -17.52
C PHE C 161 3.37 -2.79 -16.93
N TYR C 162 3.17 -2.76 -15.60
CA TYR C 162 2.63 -1.58 -14.94
C TYR C 162 3.66 -0.47 -14.73
N LEU C 163 4.93 -0.72 -15.06
CA LEU C 163 5.91 0.35 -15.23
C LEU C 163 5.93 0.80 -16.69
N ASP C 164 5.89 -0.19 -17.59
CA ASP C 164 6.08 0.09 -19.02
C ASP C 164 4.93 0.98 -19.59
N VAL C 165 3.70 0.74 -19.14
CA VAL C 165 2.57 1.52 -19.64
C VAL C 165 2.69 3.02 -19.24
N PRO C 166 2.92 3.30 -17.96
CA PRO C 166 2.99 4.73 -17.61
C PRO C 166 4.30 5.41 -18.02
N ALA C 167 5.36 4.62 -18.18
CA ALA C 167 6.64 5.18 -18.60
C ALA C 167 6.59 5.47 -20.09
N GLY C 168 5.64 4.87 -20.82
CA GLY C 168 5.63 4.93 -22.31
C GLY C 168 4.38 5.65 -22.86
N PRO C 169 3.31 4.91 -23.15
CA PRO C 169 2.17 5.54 -23.84
C PRO C 169 1.19 6.34 -22.98
N PHE C 170 1.05 6.05 -21.70
CA PHE C 170 -0.12 6.59 -20.98
C PHE C 170 -0.13 8.14 -20.82
N TYR C 171 1.04 8.72 -20.52
CA TYR C 171 1.20 10.14 -20.29
C TYR C 171 1.98 10.79 -21.41
N GLY C 172 2.27 10.04 -22.46
CA GLY C 172 3.08 10.58 -23.56
C GLY C 172 4.54 10.83 -23.21
N TYR C 173 5.04 10.11 -22.22
CA TYR C 173 6.43 10.29 -21.82
C TYR C 173 7.37 9.69 -22.84
N ASN C 174 6.84 8.89 -23.78
CA ASN C 174 7.61 8.40 -24.92
C ASN C 174 7.70 9.39 -26.09
N ARG C 175 7.14 10.60 -25.96
CA ARG C 175 7.19 11.57 -27.07
C ARG C 175 8.37 12.52 -26.95
N PRO C 176 8.88 13.01 -28.09
CA PRO C 176 9.86 14.11 -28.05
C PRO C 176 9.38 15.29 -27.18
N GLY C 177 10.27 15.83 -26.39
CA GLY C 177 9.94 16.98 -25.55
C GLY C 177 9.31 16.63 -24.20
N ALA C 178 9.02 15.35 -23.96
CA ALA C 178 8.31 14.95 -22.76
C ALA C 178 9.23 15.20 -21.57
N LYS C 179 8.65 15.54 -20.42
CA LYS C 179 9.41 15.63 -19.16
C LYS C 179 8.87 14.56 -18.20
N PRO C 180 9.41 13.35 -18.26
CA PRO C 180 8.79 12.29 -17.43
C PRO C 180 8.89 12.63 -15.95
N SER C 181 7.87 12.26 -15.18
CA SER C 181 7.95 12.36 -13.72
C SER C 181 8.01 10.95 -13.19
N GLU C 182 9.11 10.63 -12.53
CA GLU C 182 9.26 9.34 -11.89
C GLU C 182 8.17 9.09 -10.86
N GLY C 183 7.84 10.12 -10.09
CA GLY C 183 6.76 9.97 -9.10
C GLY C 183 5.42 9.60 -9.73
N VAL C 184 5.09 10.23 -10.85
CA VAL C 184 3.84 9.92 -11.59
C VAL C 184 3.83 8.46 -12.06
N ILE C 185 4.95 8.02 -12.61
CA ILE C 185 5.08 6.64 -13.08
C ILE C 185 4.89 5.62 -11.94
N TYR C 186 5.67 5.82 -10.86
CA TYR C 186 5.61 4.91 -9.73
CA TYR C 186 5.57 4.91 -9.72
C TYR C 186 4.22 4.95 -9.05
N ASN C 187 3.58 6.11 -9.03
CA ASN C 187 2.23 6.25 -8.44
C ASN C 187 1.16 5.44 -9.23
N TRP C 188 1.25 5.49 -10.56
CA TRP C 188 0.41 4.67 -11.43
C TRP C 188 0.60 3.18 -11.11
N TRP C 189 1.85 2.77 -11.08
CA TRP C 189 2.27 1.41 -10.76
C TRP C 189 1.74 0.97 -9.39
N ARG C 190 1.90 1.84 -8.40
CA ARG C 190 1.51 1.53 -7.01
C ARG C 190 0.00 1.23 -6.95
N GLN C 191 -0.80 2.05 -7.62
CA GLN C 191 -2.26 1.86 -7.68
C GLN C 191 -2.60 0.57 -8.41
N GLY C 192 -1.98 0.33 -9.55
CA GLY C 192 -2.26 -0.90 -10.30
C GLY C 192 -1.94 -2.15 -9.44
N MET C 193 -0.78 -2.15 -8.80
CA MET C 193 -0.32 -3.33 -8.08
C MET C 193 -1.12 -3.68 -6.85
N MET C 194 -1.75 -2.70 -6.19
CA MET C 194 -2.58 -3.06 -5.04
C MET C 194 -3.90 -3.74 -5.40
N GLY C 195 -4.33 -3.56 -6.66
CA GLY C 195 -5.50 -4.22 -7.19
C GLY C 195 -5.25 -5.67 -7.53
N SER C 196 -6.33 -6.34 -7.86
CA SER C 196 -6.32 -7.78 -8.23
C SER C 196 -5.91 -8.01 -9.69
N THR C 197 -4.92 -8.90 -9.89
CA THR C 197 -4.52 -9.28 -11.22
C THR C 197 -5.69 -9.86 -12.01
N LYS C 198 -6.59 -10.61 -11.37
CA LYS C 198 -7.74 -11.22 -12.06
C LYS C 198 -8.78 -10.17 -12.46
N ALA C 199 -9.05 -9.22 -11.58
CA ALA C 199 -9.98 -8.15 -11.87
C ALA C 199 -9.47 -7.30 -13.05
N GLN C 200 -8.16 -7.05 -13.04
CA GLN C 200 -7.56 -6.19 -14.08
C GLN C 200 -7.47 -6.95 -15.39
N TYR C 201 -7.16 -8.24 -15.35
CA TYR C 201 -7.08 -9.09 -16.53
C TYR C 201 -8.47 -9.13 -17.23
N ASP C 202 -9.53 -9.42 -16.47
CA ASP C 202 -10.88 -9.43 -17.03
C ASP C 202 -11.33 -8.04 -17.47
N GLY C 203 -10.88 -7.06 -16.69
CA GLY C 203 -11.19 -5.64 -16.87
C GLY C 203 -10.80 -5.13 -18.24
N ILE C 204 -9.78 -5.71 -18.84
CA ILE C 204 -9.36 -5.30 -20.19
C ILE C 204 -10.52 -5.56 -21.20
N VAL C 205 -11.13 -6.73 -21.11
CA VAL C 205 -12.29 -7.06 -21.98
C VAL C 205 -13.45 -6.09 -21.74
N ALA C 206 -13.70 -5.79 -20.46
CA ALA C 206 -14.77 -4.84 -20.07
C ALA C 206 -14.59 -3.50 -20.71
N PHE C 207 -13.40 -2.93 -20.68
CA PHE C 207 -13.21 -1.61 -21.28
C PHE C 207 -13.13 -1.59 -22.80
N SER C 208 -12.54 -2.61 -23.41
CA SER C 208 -12.20 -2.59 -24.84
C SER C 208 -13.28 -3.19 -25.73
N GLN C 209 -14.11 -4.07 -25.16
CA GLN C 209 -15.04 -4.86 -25.95
C GLN C 209 -16.49 -4.68 -25.57
N THR C 210 -16.80 -3.70 -24.72
CA THR C 210 -18.18 -3.31 -24.43
C THR C 210 -18.61 -2.21 -25.40
N ASP C 211 -19.77 -2.42 -26.01
CA ASP C 211 -20.33 -1.42 -26.94
C ASP C 211 -21.27 -0.50 -26.15
N PHE C 212 -20.95 0.79 -26.10
CA PHE C 212 -21.75 1.76 -25.36
C PHE C 212 -22.63 2.61 -26.26
N THR C 213 -22.75 2.29 -27.55
CA THR C 213 -23.41 3.21 -28.51
C THR C 213 -24.88 3.52 -28.10
N ASN C 214 -25.63 2.49 -27.75
CA ASN C 214 -27.04 2.62 -27.32
C ASN C 214 -27.18 3.38 -26.05
N ASP C 215 -26.32 3.08 -25.10
CA ASP C 215 -26.32 3.83 -23.88
C ASP C 215 -26.12 5.32 -24.21
N LEU C 216 -25.13 5.63 -25.04
CA LEU C 216 -24.82 7.03 -25.33
C LEU C 216 -26.04 7.73 -25.93
N LYS C 217 -26.72 7.06 -26.85
CA LYS C 217 -27.85 7.71 -27.54
C LYS C 217 -29.01 8.02 -26.61
N GLY C 218 -29.13 7.31 -25.50
CA GLY C 218 -30.21 7.57 -24.51
C GLY C 218 -29.95 8.73 -23.57
N ILE C 219 -28.75 9.34 -23.65
CA ILE C 219 -28.37 10.39 -22.72
C ILE C 219 -28.81 11.74 -23.27
N THR C 220 -29.72 12.39 -22.55
CA THR C 220 -30.24 13.70 -22.91
C THR C 220 -29.74 14.83 -22.00
N ILE C 221 -29.20 14.49 -20.82
CA ILE C 221 -28.64 15.49 -19.91
C ILE C 221 -27.35 16.11 -20.57
N PRO C 222 -26.90 17.27 -20.06
CA PRO C 222 -25.74 17.94 -20.65
C PRO C 222 -24.52 17.03 -20.46
N VAL C 223 -23.78 16.81 -21.54
CA VAL C 223 -22.56 15.98 -21.51
C VAL C 223 -21.38 16.78 -22.09
N LEU C 224 -20.28 16.80 -21.38
CA LEU C 224 -19.04 17.40 -21.85
C LEU C 224 -18.06 16.25 -22.10
N VAL C 225 -17.39 16.26 -23.24
CA VAL C 225 -16.42 15.27 -23.59
C VAL C 225 -15.10 16.02 -23.72
N ILE C 226 -14.07 15.52 -23.04
CA ILE C 226 -12.74 16.15 -23.09
C ILE C 226 -11.79 15.05 -23.56
N HIS C 227 -10.95 15.34 -24.54
CA HIS C 227 -10.09 14.29 -25.12
C HIS C 227 -8.85 14.86 -25.73
N GLY C 228 -7.70 14.23 -25.45
CA GLY C 228 -6.42 14.57 -26.03
C GLY C 228 -6.28 14.09 -27.46
N ASP C 229 -5.83 14.91 -28.39
CA ASP C 229 -5.69 14.38 -29.74
C ASP C 229 -4.37 13.62 -30.02
N ASP C 230 -3.51 13.42 -29.03
CA ASP C 230 -2.38 12.51 -29.16
C ASP C 230 -2.51 11.36 -28.15
N ASP C 231 -3.77 10.96 -27.88
CA ASP C 231 -4.06 9.89 -26.91
C ASP C 231 -3.62 8.56 -27.55
N GLN C 232 -2.60 7.93 -26.95
CA GLN C 232 -2.08 6.65 -27.45
C GLN C 232 -2.81 5.45 -26.89
N VAL C 233 -3.72 5.64 -25.97
CA VAL C 233 -4.40 4.53 -25.29
C VAL C 233 -5.85 4.38 -25.79
N VAL C 234 -6.58 5.48 -25.90
CA VAL C 234 -7.95 5.49 -26.43
C VAL C 234 -7.96 6.49 -27.59
N PRO C 235 -7.85 5.99 -28.84
CA PRO C 235 -7.72 6.88 -30.01
C PRO C 235 -8.90 7.89 -30.12
N TYR C 236 -8.50 9.16 -30.21
CA TYR C 236 -9.38 10.33 -30.22
C TYR C 236 -10.53 10.21 -31.27
N ALA C 237 -10.18 9.88 -32.51
CA ALA C 237 -11.13 9.88 -33.63
C ALA C 237 -12.22 8.81 -33.37
N ASP C 238 -11.89 7.75 -32.66
CA ASP C 238 -12.81 6.63 -32.52
C ASP C 238 -13.48 6.55 -31.13
N SER C 239 -13.35 7.63 -30.36
CA SER C 239 -13.89 7.68 -29.01
C SER C 239 -14.57 9.01 -28.76
N GLY C 240 -13.83 9.95 -28.19
CA GLY C 240 -14.35 11.26 -27.80
C GLY C 240 -15.13 12.00 -28.90
N VAL C 241 -14.58 12.01 -30.10
CA VAL C 241 -15.22 12.66 -31.27
C VAL C 241 -16.62 12.06 -31.53
N LEU C 242 -16.72 10.75 -31.46
CA LEU C 242 -17.98 10.02 -31.70
C LEU C 242 -18.96 10.18 -30.53
N SER C 243 -18.46 10.02 -29.31
CA SER C 243 -19.32 10.13 -28.10
C SER C 243 -20.02 11.48 -28.03
N ALA C 244 -19.32 12.56 -28.38
CA ALA C 244 -19.89 13.90 -28.21
C ALA C 244 -21.06 14.11 -29.21
N LYS C 245 -21.02 13.41 -30.34
CA LYS C 245 -22.09 13.44 -31.33
C LYS C 245 -23.23 12.46 -31.10
N LEU C 246 -22.97 11.34 -30.44
CA LEU C 246 -24.00 10.30 -30.23
C LEU C 246 -24.97 10.66 -29.12
N VAL C 247 -24.46 11.31 -28.07
CA VAL C 247 -25.32 11.80 -27.00
C VAL C 247 -26.19 12.93 -27.58
N LYS C 248 -27.29 13.28 -26.93
CA LYS C 248 -28.22 14.28 -27.52
C LYS C 248 -27.73 15.71 -27.37
N ASN C 249 -27.03 15.98 -26.26
CA ASN C 249 -26.64 17.32 -25.90
C ASN C 249 -25.18 17.33 -25.41
N GLY C 250 -24.27 17.04 -26.34
CA GLY C 250 -22.86 16.88 -26.04
C GLY C 250 -22.05 18.02 -26.61
N LYS C 251 -20.87 18.22 -26.05
CA LYS C 251 -19.92 19.22 -26.49
C LYS C 251 -18.51 18.59 -26.33
N LEU C 252 -17.63 18.78 -27.31
CA LEU C 252 -16.25 18.27 -27.29
C LEU C 252 -15.23 19.40 -27.04
N ILE C 253 -14.38 19.22 -26.04
CA ILE C 253 -13.18 20.04 -25.89
C ILE C 253 -11.94 19.17 -26.21
N THR C 254 -11.15 19.61 -27.18
CA THR C 254 -10.00 18.84 -27.63
C THR C 254 -8.77 19.48 -27.05
N TYR C 255 -7.94 18.67 -26.39
CA TYR C 255 -6.68 19.20 -25.83
C TYR C 255 -5.60 18.83 -26.81
N LYS C 256 -5.14 19.83 -27.55
CA LYS C 256 -4.16 19.59 -28.60
C LYS C 256 -2.82 19.09 -28.05
N GLY C 257 -2.32 18.02 -28.66
CA GLY C 257 -1.06 17.42 -28.28
C GLY C 257 -1.16 16.54 -27.02
N ALA C 258 -2.34 16.44 -26.40
CA ALA C 258 -2.39 15.88 -25.06
C ALA C 258 -2.44 14.36 -25.10
N PRO C 259 -1.97 13.71 -24.02
CA PRO C 259 -1.93 12.24 -23.96
C PRO C 259 -3.22 11.68 -23.37
N HIS C 260 -3.19 10.39 -23.03
CA HIS C 260 -4.28 9.75 -22.31
C HIS C 260 -4.49 10.29 -20.89
N GLY C 261 -3.42 10.45 -20.12
CA GLY C 261 -3.52 10.75 -18.69
C GLY C 261 -3.71 12.23 -18.37
N ILE C 262 -4.64 12.86 -19.07
CA ILE C 262 -4.85 14.29 -18.89
C ILE C 262 -5.30 14.79 -17.50
N PRO C 263 -5.99 13.98 -16.66
CA PRO C 263 -6.19 14.46 -15.27
C PRO C 263 -4.91 14.85 -14.50
N THR C 264 -3.79 14.21 -14.83
CA THR C 264 -2.48 14.53 -14.28
C THR C 264 -1.72 15.53 -15.13
N THR C 265 -1.55 15.26 -16.43
CA THR C 265 -0.67 16.10 -17.26
C THR C 265 -1.26 17.48 -17.58
N HIS C 266 -2.59 17.55 -17.63
CA HIS C 266 -3.29 18.80 -17.95
C HIS C 266 -4.29 19.11 -16.88
N ALA C 267 -3.89 18.92 -15.61
CA ALA C 267 -4.81 19.06 -14.46
C ALA C 267 -5.45 20.43 -14.42
N ASP C 268 -4.68 21.47 -14.68
CA ASP C 268 -5.21 22.82 -14.53
C ASP C 268 -6.31 23.09 -15.57
N LYS C 269 -6.08 22.70 -16.82
CA LYS C 269 -7.12 22.77 -17.84
C LYS C 269 -8.35 21.95 -17.48
N VAL C 270 -8.16 20.70 -17.07
CA VAL C 270 -9.26 19.82 -16.67
C VAL C 270 -10.05 20.46 -15.53
N ASN C 271 -9.34 20.93 -14.51
CA ASN C 271 -10.04 21.53 -13.38
C ASN C 271 -10.89 22.76 -13.82
N ALA C 272 -10.33 23.61 -14.66
CA ALA C 272 -10.99 24.84 -15.09
C ALA C 272 -12.20 24.51 -15.98
N ASP C 273 -12.03 23.53 -16.87
CA ASP C 273 -13.15 23.05 -17.73
C ASP C 273 -14.25 22.37 -16.97
N LEU C 274 -13.90 21.55 -15.99
CA LEU C 274 -14.92 20.92 -15.13
C LEU C 274 -15.68 21.95 -14.31
N LEU C 275 -14.97 22.92 -13.74
CA LEU C 275 -15.61 23.95 -12.92
C LEU C 275 -16.58 24.77 -13.76
N GLU C 276 -16.13 25.14 -14.95
CA GLU C 276 -17.00 25.97 -15.83
C GLU C 276 -18.25 25.18 -16.21
N PHE C 277 -18.09 23.90 -16.52
CA PHE C 277 -19.24 23.05 -16.82
C PHE C 277 -20.19 22.85 -15.64
N LEU C 278 -19.63 22.63 -14.45
CA LEU C 278 -20.43 22.51 -13.25
C LEU C 278 -21.27 23.76 -12.95
N GLN C 279 -20.71 24.94 -13.20
CA GLN C 279 -21.38 26.20 -12.87
C GLN C 279 -22.33 26.63 -13.96
N SER C 280 -22.28 25.98 -15.13
CA SER C 280 -23.11 26.35 -16.28
C SER C 280 -24.60 25.96 -16.10
#